data_5V4V
#
_entry.id   5V4V
#
_cell.length_a   61.214
_cell.length_b   107.762
_cell.length_c   141.071
_cell.angle_alpha   90.00
_cell.angle_beta   90.00
_cell.angle_gamma   90.00
#
_symmetry.space_group_name_H-M   'P 21 21 21'
#
loop_
_entity.id
_entity.type
_entity.pdbx_description
1 polymer 'NADPH dehydrogenase 3'
2 non-polymer 'FLAVIN MONONUCLEOTIDE'
3 non-polymer NICOTINAMIDE
4 non-polymer GLYCEROL
5 water water
#
_entity_poly.entity_id   1
_entity_poly.type   'polypeptide(L)'
_entity_poly.pdbx_seq_one_letter_code
;MPFVKGFEPISLRDTNLFEPIKIGNTQLAHRAVMPPLTRMRATHPGNIPNKEWAAVYYGQRAQRPGTMIITEGTFISPQA
GGYDNAPGIWSDEQVAEWKNIFLAIHDCQSFAWVQLWSLGWASFPDVLARDGLRYDCASDRVYMNATLQEKAKDANNLEH
SLTKDDIKQYIKDYIHAAKNSIAAGADGVEIHSANGYLLNQFLDPHSNKRTDEYGGTIENRARFTLEVVDALIETIGPER
VGLRLSPYGTFNSMSGGAEPGIIAQYSYVLGELEKRAKAGKRLAFVHLVEPRVTDPSLVEGEGEYSEGTNDFAYSIWKGP
IIRAGNYALHPEVVREQVKDPRTLIGYGRFFISNPDLVYRLEEGLPLNKYDRSTFYTMSAEGYTDYPTYEEAVDLGWNKN
;
_entity_poly.pdbx_strand_id   A,B
#
# COMPACT_ATOMS: atom_id res chain seq x y z
N PRO A 2 8.50 17.68 -3.21
CA PRO A 2 8.80 17.48 -1.79
C PRO A 2 7.57 17.71 -0.92
N PHE A 3 7.63 17.28 0.33
CA PHE A 3 6.60 17.60 1.30
C PHE A 3 6.66 19.08 1.72
N VAL A 4 5.51 19.61 2.12
CA VAL A 4 5.45 20.97 2.64
C VAL A 4 6.28 21.09 3.93
N LYS A 5 7.22 22.03 3.96
CA LYS A 5 8.10 22.18 5.10
C LYS A 5 7.36 22.93 6.22
N GLY A 6 7.52 22.46 7.45
CA GLY A 6 6.96 23.16 8.59
C GLY A 6 5.54 22.74 8.92
N PHE A 7 4.88 22.02 8.01
CA PHE A 7 3.53 21.54 8.25
C PHE A 7 3.53 20.45 9.32
N GLU A 8 2.73 20.64 10.36
CA GLU A 8 2.52 19.61 11.38
C GLU A 8 1.16 18.96 11.17
N PRO A 9 1.15 17.79 10.54
CA PRO A 9 -0.13 17.16 10.20
C PRO A 9 -0.87 16.63 11.43
N ILE A 10 -2.20 16.69 11.39
CA ILE A 10 -3.08 16.13 12.40
C ILE A 10 -3.99 15.09 11.75
N SER A 11 -4.04 13.89 12.30
CA SER A 11 -4.98 12.85 11.82
C SER A 11 -6.42 13.29 12.05
N LEU A 12 -7.29 13.15 11.06
CA LEU A 12 -8.67 13.62 11.15
C LEU A 12 -9.68 12.46 11.12
N ARG A 13 -9.13 11.27 11.30
CA ARG A 13 -9.85 9.99 11.26
C ARG A 13 -11.01 9.91 12.25
N ASP A 14 -10.85 10.62 13.36
N ASP A 14 -10.86 10.57 13.39
CA ASP A 14 -11.77 10.52 14.49
CA ASP A 14 -11.85 10.48 14.46
C ASP A 14 -12.90 11.55 14.41
C ASP A 14 -12.73 11.73 14.49
N THR A 15 -12.93 12.31 13.31
CA THR A 15 -13.85 13.44 13.15
C THR A 15 -14.96 13.11 12.14
N ASN A 16 -15.91 14.02 12.01
CA ASN A 16 -16.96 13.88 11.01
C ASN A 16 -16.44 13.93 9.58
N LEU A 17 -15.22 14.42 9.38
CA LEU A 17 -14.64 14.37 8.03
C LEU A 17 -14.63 12.93 7.49
N PHE A 18 -14.59 11.94 8.38
CA PHE A 18 -14.60 10.54 7.92
C PHE A 18 -15.87 9.77 8.32
N GLU A 19 -16.96 10.51 8.39
CA GLU A 19 -18.28 9.91 8.55
C GLU A 19 -19.01 9.96 7.21
N PRO A 20 -19.71 8.88 6.84
CA PRO A 20 -20.46 8.88 5.58
C PRO A 20 -21.55 9.93 5.57
N ILE A 21 -21.91 10.37 4.38
CA ILE A 21 -22.98 11.33 4.20
C ILE A 21 -23.59 11.16 2.82
N LYS A 22 -24.90 11.36 2.73
CA LYS A 22 -25.60 11.31 1.45
C LYS A 22 -25.61 12.70 0.80
N ILE A 23 -25.18 12.77 -0.46
N ILE A 23 -25.18 12.77 -0.46
CA ILE A 23 -25.23 14.03 -1.21
CA ILE A 23 -25.24 14.02 -1.20
C ILE A 23 -25.97 13.73 -2.52
C ILE A 23 -25.97 13.73 -2.52
N GLY A 24 -27.17 14.28 -2.66
CA GLY A 24 -28.00 13.99 -3.80
C GLY A 24 -28.25 12.48 -3.87
N ASN A 25 -28.00 11.90 -5.04
CA ASN A 25 -28.17 10.46 -5.26
C ASN A 25 -26.97 9.64 -4.81
N THR A 26 -25.95 10.31 -4.30
CA THR A 26 -24.67 9.64 -4.05
C THR A 26 -24.56 9.34 -2.55
N GLN A 27 -23.74 8.34 -2.24
N GLN A 27 -23.73 8.36 -2.22
CA GLN A 27 -23.42 7.99 -0.87
CA GLN A 27 -23.45 8.05 -0.83
C GLN A 27 -21.92 8.14 -0.66
C GLN A 27 -21.95 8.12 -0.61
N LEU A 28 -21.51 9.20 0.02
CA LEU A 28 -20.10 9.41 0.30
C LEU A 28 -19.65 8.62 1.51
N ALA A 29 -18.37 8.25 1.51
CA ALA A 29 -17.74 7.56 2.62
C ALA A 29 -17.06 8.52 3.57
N HIS A 30 -16.75 9.72 3.06
CA HIS A 30 -16.13 10.77 3.84
C HIS A 30 -16.47 12.12 3.21
N ARG A 31 -16.05 13.19 3.86
CA ARG A 31 -16.52 14.54 3.54
C ARG A 31 -15.43 15.46 3.01
N ALA A 32 -14.31 14.86 2.58
CA ALA A 32 -13.25 15.59 1.90
C ALA A 32 -13.57 15.61 0.40
N VAL A 33 -13.86 16.80 -0.10
CA VAL A 33 -14.30 16.98 -1.48
C VAL A 33 -13.18 17.56 -2.36
N MET A 34 -13.07 17.07 -3.60
CA MET A 34 -12.22 17.70 -4.58
C MET A 34 -13.06 18.76 -5.26
N PRO A 35 -12.73 20.03 -5.04
CA PRO A 35 -13.51 21.11 -5.63
C PRO A 35 -13.07 21.35 -7.09
N PRO A 36 -13.83 22.18 -7.81
CA PRO A 36 -13.50 22.49 -9.20
C PRO A 36 -12.13 23.14 -9.31
N LEU A 37 -11.30 22.58 -10.18
CA LEU A 37 -9.94 23.07 -10.43
C LEU A 37 -9.64 23.08 -11.92
N THR A 38 -9.68 24.27 -12.51
CA THR A 38 -9.25 24.54 -13.88
C THR A 38 -7.77 24.14 -14.05
N ARG A 39 -7.49 23.29 -15.04
CA ARG A 39 -6.14 22.79 -15.26
C ARG A 39 -5.63 23.00 -16.69
N MET A 40 -6.53 23.38 -17.59
CA MET A 40 -6.21 23.79 -18.96
C MET A 40 -5.51 22.69 -19.79
N ARG A 41 -5.94 21.44 -19.61
CA ARG A 41 -5.43 20.34 -20.43
C ARG A 41 -6.37 19.96 -21.56
N ALA A 42 -7.47 20.69 -21.73
CA ALA A 42 -8.38 20.40 -22.83
C ALA A 42 -7.73 20.89 -24.14
N THR A 43 -8.04 20.22 -25.25
CA THR A 43 -7.38 20.56 -26.50
C THR A 43 -8.23 21.46 -27.38
N HIS A 44 -7.53 22.15 -28.27
CA HIS A 44 -8.07 23.16 -29.18
C HIS A 44 -7.83 22.62 -30.60
N PRO A 45 -8.82 22.74 -31.49
CA PRO A 45 -10.10 23.41 -31.34
C PRO A 45 -11.15 22.51 -30.69
N GLY A 46 -12.22 23.14 -30.23
CA GLY A 46 -13.37 22.40 -29.77
C GLY A 46 -13.45 22.16 -28.27
N ASN A 47 -12.49 22.64 -27.49
CA ASN A 47 -12.53 22.50 -26.03
C ASN A 47 -12.78 21.06 -25.60
N ILE A 48 -11.96 20.15 -26.12
CA ILE A 48 -12.15 18.74 -25.90
C ILE A 48 -11.33 18.27 -24.69
N PRO A 49 -11.97 17.58 -23.73
CA PRO A 49 -11.24 17.03 -22.59
C PRO A 49 -10.03 16.20 -23.03
N ASN A 50 -8.96 16.31 -22.25
CA ASN A 50 -7.71 15.63 -22.54
C ASN A 50 -7.87 14.13 -22.59
N LYS A 51 -7.59 13.56 -23.74
CA LYS A 51 -7.76 12.12 -23.89
C LYS A 51 -6.65 11.27 -23.25
N GLU A 52 -5.49 11.87 -23.01
CA GLU A 52 -4.35 11.11 -22.46
C GLU A 52 -4.34 11.08 -20.94
N TRP A 53 -4.64 12.21 -20.33
CA TRP A 53 -4.27 12.42 -18.94
C TRP A 53 -5.43 12.72 -17.98
N ALA A 54 -6.55 13.22 -18.48
CA ALA A 54 -7.61 13.71 -17.58
C ALA A 54 -8.25 12.57 -16.79
N ALA A 55 -8.58 11.47 -17.46
CA ALA A 55 -9.18 10.32 -16.80
C ALA A 55 -8.21 9.78 -15.76
N VAL A 56 -6.91 9.76 -16.09
CA VAL A 56 -5.91 9.31 -15.12
C VAL A 56 -5.84 10.25 -13.92
N TYR A 57 -5.78 11.55 -14.16
CA TYR A 57 -5.76 12.55 -13.09
C TYR A 57 -6.94 12.43 -12.14
N TYR A 58 -8.13 12.38 -12.71
CA TYR A 58 -9.33 12.29 -11.87
C TYR A 58 -9.43 10.92 -11.19
N GLY A 59 -9.01 9.87 -11.89
CA GLY A 59 -9.04 8.52 -11.32
C GLY A 59 -8.10 8.46 -10.13
N GLN A 60 -6.96 9.11 -10.27
CA GLN A 60 -6.01 9.14 -9.15
C GLN A 60 -6.64 9.75 -7.92
N ARG A 61 -7.33 10.86 -8.11
CA ARG A 61 -7.88 11.60 -6.98
C ARG A 61 -9.19 11.00 -6.49
N ALA A 62 -9.75 10.10 -7.28
CA ALA A 62 -10.97 9.38 -6.89
C ALA A 62 -10.68 8.11 -6.10
N GLN A 63 -9.39 7.82 -5.86
CA GLN A 63 -8.94 6.49 -5.45
C GLN A 63 -9.54 6.00 -4.14
N ARG A 64 -9.85 6.90 -3.21
CA ARG A 64 -10.57 6.47 -2.00
C ARG A 64 -12.06 6.27 -2.32
N PRO A 65 -12.58 5.05 -2.13
CA PRO A 65 -14.01 4.85 -2.48
C PRO A 65 -14.93 5.82 -1.75
N GLY A 66 -15.95 6.31 -2.44
CA GLY A 66 -16.89 7.21 -1.82
C GLY A 66 -16.43 8.65 -1.71
N THR A 67 -15.52 9.04 -2.59
CA THR A 67 -15.04 10.41 -2.68
C THR A 67 -15.91 11.23 -3.65
N MET A 68 -16.24 12.45 -3.27
CA MET A 68 -16.95 13.38 -4.15
C MET A 68 -15.97 14.23 -4.95
N ILE A 69 -16.09 14.17 -6.28
CA ILE A 69 -15.26 14.98 -7.18
C ILE A 69 -16.12 15.95 -7.97
N ILE A 70 -15.75 17.24 -7.91
CA ILE A 70 -16.40 18.24 -8.73
C ILE A 70 -15.36 18.57 -9.81
N THR A 71 -15.77 18.49 -11.08
CA THR A 71 -14.84 18.78 -12.18
C THR A 71 -14.42 20.23 -12.24
N GLU A 72 -13.31 20.45 -12.93
CA GLU A 72 -12.94 21.75 -13.45
C GLU A 72 -14.14 22.45 -14.07
N GLY A 73 -14.16 23.78 -14.03
CA GLY A 73 -15.15 24.55 -14.78
C GLY A 73 -15.25 24.09 -16.23
N THR A 74 -16.46 23.82 -16.66
CA THR A 74 -16.73 23.26 -17.96
C THR A 74 -17.73 24.15 -18.67
N PHE A 75 -17.34 24.66 -19.83
CA PHE A 75 -18.21 25.60 -20.56
C PHE A 75 -19.48 24.96 -21.08
N ILE A 76 -20.59 25.68 -20.93
CA ILE A 76 -21.90 25.20 -21.35
C ILE A 76 -22.19 25.42 -22.84
N SER A 77 -21.40 26.27 -23.49
CA SER A 77 -21.56 26.61 -24.91
C SER A 77 -20.35 27.42 -25.35
N PRO A 78 -20.16 27.58 -26.68
CA PRO A 78 -19.07 28.44 -27.14
C PRO A 78 -19.15 29.85 -26.57
N GLN A 79 -20.35 30.42 -26.53
CA GLN A 79 -20.51 31.83 -26.13
C GLN A 79 -20.19 32.01 -24.63
N ALA A 80 -20.31 30.93 -23.85
CA ALA A 80 -20.00 30.95 -22.43
C ALA A 80 -18.50 30.86 -22.10
N GLY A 81 -17.69 30.60 -23.14
CA GLY A 81 -16.28 30.33 -22.95
C GLY A 81 -15.34 31.45 -23.39
N GLY A 82 -14.20 31.06 -23.97
CA GLY A 82 -13.14 31.99 -24.36
C GLY A 82 -11.75 31.55 -23.94
N TYR A 83 -11.67 30.43 -23.23
CA TYR A 83 -10.40 29.82 -22.85
C TYR A 83 -10.20 28.54 -23.67
N ASP A 84 -9.22 28.55 -24.56
CA ASP A 84 -9.03 27.49 -25.53
C ASP A 84 -8.81 26.12 -24.94
N ASN A 85 -8.20 26.07 -23.75
CA ASN A 85 -7.79 24.80 -23.19
C ASN A 85 -8.60 24.40 -21.94
N ALA A 86 -9.73 25.05 -21.73
CA ALA A 86 -10.72 24.58 -20.77
C ALA A 86 -11.79 23.78 -21.52
N PRO A 87 -12.33 22.71 -20.92
CA PRO A 87 -13.29 21.86 -21.61
C PRO A 87 -14.69 22.44 -21.68
N GLY A 88 -15.47 21.96 -22.64
CA GLY A 88 -16.88 22.23 -22.73
C GLY A 88 -17.62 20.91 -22.63
N ILE A 89 -18.95 20.98 -22.57
CA ILE A 89 -19.75 19.74 -22.55
C ILE A 89 -21.03 19.94 -23.33
N TRP A 90 -20.95 20.81 -24.35
CA TRP A 90 -22.07 21.01 -25.26
C TRP A 90 -22.05 20.07 -26.47
N SER A 91 -20.90 19.47 -26.80
CA SER A 91 -20.79 18.73 -28.07
C SER A 91 -20.60 17.22 -27.89
N ASP A 92 -20.91 16.46 -28.94
CA ASP A 92 -20.76 15.01 -28.88
C ASP A 92 -19.32 14.62 -28.66
N GLU A 93 -18.39 15.34 -29.29
CA GLU A 93 -16.98 15.01 -29.16
C GLU A 93 -16.49 15.23 -27.73
N GLN A 94 -16.96 16.29 -27.09
CA GLN A 94 -16.64 16.50 -25.67
C GLN A 94 -17.23 15.40 -24.79
N VAL A 95 -18.52 15.12 -24.98
CA VAL A 95 -19.22 14.11 -24.20
C VAL A 95 -18.52 12.76 -24.28
N ALA A 96 -18.04 12.40 -25.48
CA ALA A 96 -17.35 11.14 -25.67
C ALA A 96 -16.17 10.99 -24.71
N GLU A 97 -15.39 12.04 -24.48
N GLU A 97 -15.40 12.04 -24.50
CA GLU A 97 -14.26 11.89 -23.58
CA GLU A 97 -14.24 11.93 -23.65
C GLU A 97 -14.72 11.97 -22.13
C GLU A 97 -14.66 12.04 -22.16
N TRP A 98 -15.69 12.83 -21.87
CA TRP A 98 -16.21 12.95 -20.50
C TRP A 98 -16.69 11.58 -20.02
N LYS A 99 -17.26 10.78 -20.91
CA LYS A 99 -17.71 9.45 -20.53
C LYS A 99 -16.56 8.65 -19.92
N ASN A 100 -15.39 8.74 -20.53
CA ASN A 100 -14.22 7.99 -20.06
C ASN A 100 -13.72 8.51 -18.73
N ILE A 101 -13.79 9.82 -18.56
CA ILE A 101 -13.38 10.43 -17.31
C ILE A 101 -14.32 10.00 -16.16
N PHE A 102 -15.62 10.01 -16.41
CA PHE A 102 -16.56 9.61 -15.37
C PHE A 102 -16.43 8.12 -15.09
N LEU A 103 -16.15 7.34 -16.13
CA LEU A 103 -15.94 5.92 -15.95
C LEU A 103 -14.77 5.70 -15.01
N ALA A 104 -13.69 6.45 -15.18
CA ALA A 104 -12.53 6.31 -14.31
C ALA A 104 -12.87 6.61 -12.86
N ILE A 105 -13.71 7.63 -12.64
CA ILE A 105 -14.11 8.00 -11.29
C ILE A 105 -15.02 6.95 -10.68
N HIS A 106 -15.97 6.49 -11.47
CA HIS A 106 -16.92 5.49 -11.01
C HIS A 106 -16.26 4.14 -10.75
N ASP A 107 -15.23 3.82 -11.51
CA ASP A 107 -14.43 2.60 -11.27
C ASP A 107 -13.84 2.55 -9.86
N CYS A 108 -13.56 3.71 -9.29
CA CYS A 108 -13.11 3.83 -7.91
C CYS A 108 -14.26 3.88 -6.91
N GLN A 109 -15.49 3.77 -7.40
CA GLN A 109 -16.70 3.86 -6.58
C GLN A 109 -16.79 5.24 -5.92
N SER A 110 -16.36 6.24 -6.70
CA SER A 110 -16.46 7.62 -6.33
C SER A 110 -17.44 8.34 -7.29
N PHE A 111 -17.62 9.64 -7.11
CA PHE A 111 -18.68 10.36 -7.79
C PHE A 111 -18.18 11.62 -8.47
N ALA A 112 -18.86 11.98 -9.57
CA ALA A 112 -18.44 13.07 -10.43
C ALA A 112 -19.56 14.08 -10.64
N TRP A 113 -19.27 15.33 -10.33
CA TRP A 113 -20.17 16.46 -10.54
C TRP A 113 -19.54 17.45 -11.50
N VAL A 114 -20.20 17.74 -12.61
CA VAL A 114 -19.67 18.70 -13.58
C VAL A 114 -19.98 20.13 -13.15
N GLN A 115 -18.95 20.94 -12.99
CA GLN A 115 -19.18 22.36 -12.78
C GLN A 115 -19.45 23.07 -14.10
N LEU A 116 -20.65 23.63 -14.19
CA LEU A 116 -21.10 24.32 -15.39
C LEU A 116 -20.72 25.79 -15.30
N TRP A 117 -19.96 26.22 -16.30
CA TRP A 117 -19.22 27.49 -16.27
C TRP A 117 -19.61 28.45 -17.40
N SER A 118 -19.77 29.71 -17.07
CA SER A 118 -19.87 30.78 -18.06
C SER A 118 -19.02 31.94 -17.55
N LEU A 119 -18.25 32.57 -18.44
CA LEU A 119 -17.19 33.48 -18.04
C LEU A 119 -17.58 34.95 -17.85
N GLY A 120 -18.49 35.44 -18.68
CA GLY A 120 -18.76 36.86 -18.71
C GLY A 120 -17.49 37.67 -18.90
N TRP A 121 -17.30 38.67 -18.06
CA TRP A 121 -16.27 39.65 -18.36
C TRP A 121 -14.85 39.13 -18.07
N ALA A 122 -14.73 37.92 -17.51
CA ALA A 122 -13.43 37.31 -17.28
C ALA A 122 -12.86 36.64 -18.54
N SER A 123 -13.67 36.59 -19.60
CA SER A 123 -13.24 35.98 -20.87
C SER A 123 -12.21 36.88 -21.60
N PHE A 124 -11.67 36.34 -22.70
CA PHE A 124 -10.70 37.07 -23.52
C PHE A 124 -11.40 37.59 -24.78
N PRO A 125 -11.59 38.92 -24.89
CA PRO A 125 -12.41 39.46 -25.98
C PRO A 125 -11.86 39.19 -27.38
N ASP A 126 -10.54 39.06 -27.49
CA ASP A 126 -9.91 38.78 -28.79
C ASP A 126 -10.12 37.34 -29.21
N VAL A 127 -10.09 36.41 -28.25
CA VAL A 127 -10.39 35.02 -28.54
C VAL A 127 -11.86 34.84 -28.94
N LEU A 128 -12.74 35.51 -28.22
CA LEU A 128 -14.15 35.48 -28.56
C LEU A 128 -14.37 36.03 -29.99
N ALA A 129 -13.70 37.12 -30.29
CA ALA A 129 -13.86 37.77 -31.59
C ALA A 129 -13.43 36.85 -32.70
N ARG A 130 -12.31 36.17 -32.48
CA ARG A 130 -11.84 35.15 -33.42
C ARG A 130 -12.95 34.18 -33.78
N ASP A 131 -13.75 33.78 -32.78
CA ASP A 131 -14.80 32.79 -33.02
C ASP A 131 -16.16 33.41 -33.33
N GLY A 132 -16.21 34.72 -33.54
CA GLY A 132 -17.47 35.37 -33.87
C GLY A 132 -18.41 35.48 -32.68
N LEU A 133 -17.84 35.54 -31.48
CA LEU A 133 -18.62 35.56 -30.25
C LEU A 133 -18.57 36.93 -29.55
N ARG A 134 -19.60 37.22 -28.78
CA ARG A 134 -19.68 38.47 -28.03
C ARG A 134 -18.78 38.40 -26.80
N TYR A 135 -18.40 39.56 -26.31
CA TYR A 135 -17.79 39.72 -25.00
C TYR A 135 -18.89 40.13 -24.00
N ASP A 136 -19.38 39.15 -23.25
CA ASP A 136 -20.63 39.31 -22.48
C ASP A 136 -20.38 39.81 -21.06
N CYS A 137 -21.34 40.58 -20.55
CA CYS A 137 -21.28 41.08 -19.19
C CYS A 137 -22.68 41.49 -18.74
N ALA A 138 -22.79 41.87 -17.47
CA ALA A 138 -24.03 42.39 -16.92
C ALA A 138 -24.26 43.82 -17.40
N SER A 139 -23.22 44.65 -17.32
N SER A 139 -23.23 44.65 -17.31
CA SER A 139 -23.27 46.07 -17.66
CA SER A 139 -23.32 46.05 -17.74
C SER A 139 -22.02 46.55 -18.39
C SER A 139 -22.04 46.55 -18.40
N ASP A 140 -22.17 46.97 -19.65
CA ASP A 140 -21.00 47.45 -20.39
C ASP A 140 -20.42 48.78 -19.87
N ARG A 141 -21.07 49.38 -18.86
CA ARG A 141 -20.55 50.58 -18.19
C ARG A 141 -19.34 50.27 -17.30
N VAL A 142 -19.13 49.00 -16.98
CA VAL A 142 -18.06 48.59 -16.07
C VAL A 142 -17.27 47.45 -16.69
N TYR A 143 -15.94 47.53 -16.63
CA TYR A 143 -15.05 46.48 -17.13
C TYR A 143 -14.31 45.86 -15.95
N MET A 144 -13.85 44.62 -16.13
CA MET A 144 -13.19 43.92 -15.05
C MET A 144 -11.84 44.55 -14.69
N ASN A 145 -11.10 44.99 -15.69
CA ASN A 145 -9.88 45.74 -15.44
C ASN A 145 -9.46 46.44 -16.72
N ALA A 146 -8.42 47.25 -16.62
CA ALA A 146 -7.97 48.07 -17.75
C ALA A 146 -7.38 47.24 -18.88
N THR A 147 -6.69 46.15 -18.54
CA THR A 147 -6.12 45.29 -19.56
C THR A 147 -7.18 44.72 -20.47
N LEU A 148 -8.25 44.17 -19.89
CA LEU A 148 -9.30 43.56 -20.68
C LEU A 148 -10.07 44.61 -21.45
N GLN A 149 -10.23 45.78 -20.84
CA GLN A 149 -10.92 46.85 -21.53
C GLN A 149 -10.17 47.24 -22.80
N GLU A 150 -8.85 47.36 -22.68
CA GLU A 150 -7.99 47.68 -23.84
C GLU A 150 -8.01 46.54 -24.88
N LYS A 151 -7.91 45.30 -24.41
CA LYS A 151 -8.02 44.15 -25.30
C LYS A 151 -9.35 44.18 -26.04
N ALA A 152 -10.43 44.53 -25.32
CA ALA A 152 -11.74 44.60 -25.96
C ALA A 152 -11.75 45.64 -27.08
N LYS A 153 -11.18 46.82 -26.83
CA LYS A 153 -11.11 47.88 -27.83
C LYS A 153 -10.32 47.40 -29.05
N ASP A 154 -9.15 46.82 -28.78
CA ASP A 154 -8.24 46.40 -29.84
C ASP A 154 -8.83 45.30 -30.70
N ALA A 155 -9.72 44.49 -30.12
CA ALA A 155 -10.35 43.40 -30.85
C ALA A 155 -11.63 43.83 -31.54
N ASN A 156 -12.00 45.11 -31.38
CA ASN A 156 -13.30 45.59 -31.85
C ASN A 156 -14.41 44.68 -31.34
N ASN A 157 -14.30 44.32 -30.07
CA ASN A 157 -15.29 43.46 -29.43
C ASN A 157 -15.54 44.00 -28.03
N LEU A 158 -16.18 45.16 -27.98
CA LEU A 158 -16.52 45.83 -26.73
C LEU A 158 -17.54 45.03 -25.92
N GLU A 159 -17.58 45.29 -24.61
CA GLU A 159 -18.52 44.61 -23.75
C GLU A 159 -19.92 44.78 -24.27
N HIS A 160 -20.67 43.70 -24.15
CA HIS A 160 -22.07 43.60 -24.52
C HIS A 160 -22.90 43.32 -23.27
N SER A 161 -23.71 44.28 -22.84
CA SER A 161 -24.68 44.03 -21.76
C SER A 161 -25.65 43.00 -22.25
N LEU A 162 -25.90 41.94 -21.47
CA LEU A 162 -26.80 40.93 -21.94
C LEU A 162 -28.19 41.51 -22.11
N THR A 163 -28.84 41.10 -23.18
CA THR A 163 -30.26 41.36 -23.37
C THR A 163 -31.01 40.25 -22.66
N LYS A 164 -32.30 40.44 -22.46
CA LYS A 164 -33.13 39.38 -21.91
C LYS A 164 -33.07 38.13 -22.77
N ASP A 165 -33.03 38.30 -24.09
CA ASP A 165 -32.94 37.15 -24.97
C ASP A 165 -31.59 36.44 -24.84
N ASP A 166 -30.50 37.20 -24.64
CA ASP A 166 -29.19 36.58 -24.39
C ASP A 166 -29.30 35.69 -23.15
N ILE A 167 -29.99 36.22 -22.13
CA ILE A 167 -30.13 35.50 -20.88
C ILE A 167 -30.94 34.24 -21.10
N LYS A 168 -32.00 34.30 -21.88
CA LYS A 168 -32.76 33.10 -22.20
C LYS A 168 -31.87 32.05 -22.88
N GLN A 169 -30.99 32.50 -23.77
CA GLN A 169 -30.12 31.56 -24.48
C GLN A 169 -29.09 30.93 -23.52
N TYR A 170 -28.55 31.71 -22.58
CA TYR A 170 -27.69 31.15 -21.55
C TYR A 170 -28.42 30.06 -20.75
N ILE A 171 -29.68 30.32 -20.39
CA ILE A 171 -30.44 29.32 -19.64
C ILE A 171 -30.63 28.05 -20.50
N LYS A 172 -30.92 28.21 -21.79
CA LYS A 172 -31.00 27.07 -22.68
C LYS A 172 -29.65 26.31 -22.75
N ASP A 173 -28.55 27.06 -22.75
CA ASP A 173 -27.23 26.45 -22.79
C ASP A 173 -26.95 25.66 -21.51
N TYR A 174 -27.32 26.21 -20.34
CA TYR A 174 -27.18 25.47 -19.09
C TYR A 174 -27.97 24.17 -19.11
N ILE A 175 -29.21 24.24 -19.61
CA ILE A 175 -30.06 23.06 -19.67
C ILE A 175 -29.42 21.98 -20.55
N HIS A 176 -28.98 22.39 -21.73
CA HIS A 176 -28.37 21.48 -22.69
C HIS A 176 -27.12 20.83 -22.08
N ALA A 177 -26.27 21.66 -21.48
CA ALA A 177 -25.02 21.18 -20.91
C ALA A 177 -25.30 20.28 -19.72
N ALA A 178 -26.34 20.58 -18.95
CA ALA A 178 -26.71 19.75 -17.83
C ALA A 178 -27.24 18.39 -18.32
N LYS A 179 -28.13 18.39 -19.31
CA LYS A 179 -28.61 17.12 -19.89
C LYS A 179 -27.42 16.28 -20.42
N ASN A 180 -26.49 16.92 -21.12
CA ASN A 180 -25.32 16.20 -21.64
C ASN A 180 -24.48 15.62 -20.51
N SER A 181 -24.31 16.39 -19.44
CA SER A 181 -23.53 15.97 -18.29
C SER A 181 -24.09 14.67 -17.74
N ILE A 182 -25.40 14.64 -17.49
CA ILE A 182 -26.05 13.49 -16.90
C ILE A 182 -26.10 12.30 -17.86
N ALA A 183 -26.34 12.56 -19.14
CA ALA A 183 -26.34 11.49 -20.13
C ALA A 183 -24.95 10.86 -20.30
N ALA A 184 -23.91 11.66 -20.08
CA ALA A 184 -22.52 11.20 -20.14
C ALA A 184 -22.12 10.36 -18.95
N GLY A 185 -22.96 10.36 -17.91
CA GLY A 185 -22.70 9.58 -16.71
C GLY A 185 -22.45 10.35 -15.43
N ALA A 186 -22.46 11.69 -15.48
CA ALA A 186 -22.22 12.45 -14.25
C ALA A 186 -23.31 12.20 -13.21
N ASP A 187 -22.92 12.26 -11.95
CA ASP A 187 -23.85 12.12 -10.83
C ASP A 187 -24.63 13.40 -10.53
N GLY A 188 -24.16 14.52 -11.08
CA GLY A 188 -24.82 15.80 -10.88
C GLY A 188 -24.00 16.90 -11.52
N VAL A 189 -24.47 18.12 -11.33
CA VAL A 189 -23.76 19.30 -11.79
C VAL A 189 -23.68 20.32 -10.66
N GLU A 190 -22.66 21.16 -10.73
CA GLU A 190 -22.58 22.33 -9.86
C GLU A 190 -22.68 23.58 -10.72
N ILE A 191 -23.62 24.44 -10.40
CA ILE A 191 -23.73 25.72 -11.06
C ILE A 191 -22.68 26.70 -10.48
N HIS A 192 -21.73 27.12 -11.30
CA HIS A 192 -20.74 28.08 -10.86
C HIS A 192 -21.38 29.48 -10.81
N SER A 193 -21.57 30.00 -9.61
CA SER A 193 -22.13 31.36 -9.45
C SER A 193 -21.20 32.13 -8.53
N ALA A 194 -19.93 31.74 -8.56
CA ALA A 194 -18.92 32.30 -7.69
C ALA A 194 -17.74 32.87 -8.48
N ASN A 195 -16.81 33.41 -7.70
CA ASN A 195 -15.46 33.78 -8.14
C ASN A 195 -15.43 34.76 -9.33
N GLY A 196 -16.45 35.60 -9.42
CA GLY A 196 -16.50 36.71 -10.36
C GLY A 196 -16.78 36.32 -11.81
N TYR A 197 -17.28 35.11 -12.05
CA TYR A 197 -17.66 34.72 -13.40
C TYR A 197 -19.10 35.20 -13.63
N LEU A 198 -19.72 34.77 -14.71
CA LEU A 198 -20.85 35.52 -15.25
C LEU A 198 -22.01 35.65 -14.25
N LEU A 199 -22.40 34.55 -13.63
CA LEU A 199 -23.54 34.63 -12.72
C LEU A 199 -23.21 35.53 -11.52
N ASN A 200 -21.99 35.42 -11.02
CA ASN A 200 -21.54 36.23 -9.91
C ASN A 200 -21.57 37.70 -10.33
N GLN A 201 -21.26 37.97 -11.60
CA GLN A 201 -21.28 39.34 -12.11
C GLN A 201 -22.68 39.93 -12.04
N PHE A 202 -23.70 39.09 -12.21
CA PHE A 202 -25.07 39.57 -12.05
C PHE A 202 -25.42 39.76 -10.59
N LEU A 203 -24.90 38.89 -9.71
CA LEU A 203 -25.16 39.02 -8.25
C LEU A 203 -24.55 40.27 -7.62
N ASP A 204 -23.43 40.74 -8.17
CA ASP A 204 -22.59 41.71 -7.49
C ASP A 204 -22.95 43.13 -7.95
N PRO A 205 -23.13 44.05 -6.99
CA PRO A 205 -23.55 45.40 -7.37
C PRO A 205 -22.43 46.22 -7.99
N HIS A 206 -21.19 45.75 -7.89
CA HIS A 206 -20.10 46.47 -8.57
C HIS A 206 -20.16 46.21 -10.08
N SER A 207 -20.37 44.96 -10.47
CA SER A 207 -20.45 44.64 -11.90
C SER A 207 -21.82 44.87 -12.49
N ASN A 208 -22.86 44.68 -11.69
CA ASN A 208 -24.22 44.82 -12.18
C ASN A 208 -24.81 46.20 -11.91
N LYS A 209 -24.79 47.05 -12.94
CA LYS A 209 -25.38 48.39 -12.88
C LYS A 209 -26.66 48.46 -13.70
N ARG A 210 -27.29 47.31 -13.93
CA ARG A 210 -28.47 47.27 -14.78
C ARG A 210 -29.65 47.91 -14.08
N THR A 211 -30.62 48.33 -14.89
CA THR A 211 -31.83 48.95 -14.36
C THR A 211 -33.06 48.23 -14.88
N ASP A 212 -32.86 47.07 -15.50
CA ASP A 212 -33.98 46.22 -15.88
C ASP A 212 -34.24 45.21 -14.77
N GLU A 213 -35.00 44.16 -15.04
CA GLU A 213 -35.39 43.24 -13.98
C GLU A 213 -34.22 42.38 -13.49
N TYR A 214 -33.05 42.51 -14.12
CA TYR A 214 -31.87 41.73 -13.72
C TYR A 214 -30.86 42.53 -12.95
N GLY A 215 -31.19 43.78 -12.61
CA GLY A 215 -30.34 44.52 -11.72
C GLY A 215 -31.09 45.59 -10.92
N GLY A 216 -30.37 46.26 -10.02
CA GLY A 216 -30.92 47.41 -9.29
C GLY A 216 -31.48 47.12 -7.92
N THR A 217 -31.81 45.86 -7.67
CA THR A 217 -32.21 45.37 -6.35
C THR A 217 -31.55 44.04 -6.08
N ILE A 218 -31.55 43.65 -4.81
CA ILE A 218 -31.09 42.33 -4.39
C ILE A 218 -31.81 41.24 -5.17
N GLU A 219 -33.13 41.36 -5.24
CA GLU A 219 -33.98 40.37 -5.89
C GLU A 219 -33.67 40.27 -7.39
N ASN A 220 -33.45 41.42 -8.01
CA ASN A 220 -33.18 41.47 -9.43
C ASN A 220 -31.79 40.92 -9.74
N ARG A 221 -30.81 41.23 -8.90
CA ARG A 221 -29.45 40.78 -9.13
C ARG A 221 -29.37 39.26 -9.01
N ALA A 222 -30.24 38.68 -8.18
CA ALA A 222 -30.29 37.23 -7.98
C ALA A 222 -31.05 36.45 -9.04
N ARG A 223 -31.76 37.15 -9.92
CA ARG A 223 -32.73 36.52 -10.80
C ARG A 223 -32.11 35.52 -11.78
N PHE A 224 -31.01 35.91 -12.42
CA PHE A 224 -30.34 35.06 -13.41
C PHE A 224 -29.89 33.76 -12.75
N THR A 225 -29.20 33.86 -11.62
CA THR A 225 -28.73 32.67 -10.91
C THR A 225 -29.90 31.75 -10.54
N LEU A 226 -30.98 32.33 -10.02
CA LEU A 226 -32.11 31.50 -9.61
C LEU A 226 -32.87 30.94 -10.79
N GLU A 227 -32.92 31.66 -11.92
CA GLU A 227 -33.48 31.09 -13.15
C GLU A 227 -32.70 29.87 -13.64
N VAL A 228 -31.37 29.91 -13.51
CA VAL A 228 -30.53 28.77 -13.90
C VAL A 228 -30.80 27.62 -12.93
N VAL A 229 -30.83 27.92 -11.63
CA VAL A 229 -31.14 26.92 -10.61
C VAL A 229 -32.47 26.23 -10.91
N ASP A 230 -33.50 27.02 -11.19
CA ASP A 230 -34.85 26.46 -11.45
C ASP A 230 -34.91 25.65 -12.73
N ALA A 231 -34.21 26.12 -13.77
CA ALA A 231 -34.16 25.37 -15.04
C ALA A 231 -33.51 24.00 -14.84
N LEU A 232 -32.45 23.91 -14.05
CA LEU A 232 -31.78 22.63 -13.82
C LEU A 232 -32.53 21.73 -12.83
N ILE A 233 -33.13 22.30 -11.79
CA ILE A 233 -34.01 21.53 -10.91
C ILE A 233 -35.03 20.79 -11.76
N GLU A 234 -35.60 21.49 -12.72
CA GLU A 234 -36.70 20.96 -13.49
C GLU A 234 -36.24 19.89 -14.44
N THR A 235 -35.05 20.06 -15.00
CA THR A 235 -34.65 19.14 -16.06
C THR A 235 -33.81 17.94 -15.57
N ILE A 236 -32.99 18.07 -14.52
CA ILE A 236 -32.26 16.90 -14.03
C ILE A 236 -32.50 16.59 -12.57
N GLY A 237 -33.36 17.35 -11.92
CA GLY A 237 -33.73 17.08 -10.55
C GLY A 237 -32.90 17.89 -9.54
N PRO A 238 -33.52 18.33 -8.43
CA PRO A 238 -32.78 19.13 -7.47
C PRO A 238 -31.67 18.37 -6.82
N GLU A 239 -31.82 17.06 -6.64
CA GLU A 239 -30.76 16.27 -6.04
C GLU A 239 -29.53 16.08 -6.96
N ARG A 240 -29.64 16.49 -8.22
CA ARG A 240 -28.48 16.50 -9.12
C ARG A 240 -27.90 17.90 -9.35
N VAL A 241 -28.28 18.86 -8.52
CA VAL A 241 -27.83 20.24 -8.70
C VAL A 241 -27.27 20.83 -7.39
N GLY A 242 -26.04 21.35 -7.47
CA GLY A 242 -25.47 22.16 -6.40
C GLY A 242 -25.18 23.55 -6.92
N LEU A 243 -24.89 24.47 -6.01
CA LEU A 243 -24.66 25.87 -6.37
C LEU A 243 -23.43 26.38 -5.62
N ARG A 244 -22.50 26.97 -6.36
CA ARG A 244 -21.31 27.54 -5.74
C ARG A 244 -21.38 29.05 -5.68
N LEU A 245 -21.04 29.57 -4.49
CA LEU A 245 -21.10 30.99 -4.16
C LEU A 245 -19.86 31.38 -3.39
N SER A 246 -19.44 32.64 -3.55
CA SER A 246 -18.26 33.16 -2.84
C SER A 246 -18.56 34.54 -2.26
N PRO A 247 -19.30 34.59 -1.15
CA PRO A 247 -19.78 35.89 -0.65
C PRO A 247 -18.65 36.93 -0.46
N TYR A 248 -17.48 36.50 0.01
CA TYR A 248 -16.42 37.42 0.36
C TYR A 248 -15.35 37.53 -0.72
N GLY A 249 -15.58 36.91 -1.87
CA GLY A 249 -14.59 36.92 -2.94
C GLY A 249 -14.36 38.30 -3.52
N THR A 250 -13.10 38.60 -3.82
CA THR A 250 -12.79 39.79 -4.60
C THR A 250 -12.15 39.46 -5.96
N PHE A 251 -11.79 38.20 -6.15
CA PHE A 251 -11.29 37.71 -7.43
C PHE A 251 -12.21 38.15 -8.58
N ASN A 252 -11.59 38.55 -9.68
CA ASN A 252 -12.29 39.00 -10.88
C ASN A 252 -13.20 40.19 -10.58
N SER A 253 -12.67 41.06 -9.72
CA SER A 253 -13.25 42.37 -9.41
C SER A 253 -14.65 42.31 -8.81
N MET A 254 -14.88 41.34 -7.92
CA MET A 254 -16.12 41.30 -7.13
C MET A 254 -15.96 42.13 -5.86
N SER A 255 -17.08 42.44 -5.22
CA SER A 255 -17.10 43.44 -4.14
C SER A 255 -16.50 42.93 -2.85
N GLY A 256 -16.86 41.71 -2.48
CA GLY A 256 -16.45 41.16 -1.21
C GLY A 256 -17.03 41.94 -0.02
N GLY A 257 -16.47 41.70 1.15
CA GLY A 257 -16.98 42.28 2.39
C GLY A 257 -16.98 43.80 2.47
N ALA A 258 -16.14 44.46 1.66
CA ALA A 258 -16.13 45.93 1.62
C ALA A 258 -17.47 46.52 1.18
N GLU A 259 -18.33 45.69 0.60
CA GLU A 259 -19.68 46.09 0.26
C GLU A 259 -20.60 45.65 1.40
N PRO A 260 -21.06 46.60 2.25
CA PRO A 260 -21.82 46.19 3.45
C PRO A 260 -23.17 45.55 3.14
N GLY A 261 -23.68 45.74 1.92
CA GLY A 261 -24.85 45.05 1.44
C GLY A 261 -24.61 43.65 0.90
N ILE A 262 -23.38 43.13 1.00
CA ILE A 262 -23.07 41.89 0.29
C ILE A 262 -23.70 40.68 1.00
N ILE A 263 -23.76 40.68 2.33
CA ILE A 263 -24.35 39.52 3.00
C ILE A 263 -25.88 39.46 2.77
N ALA A 264 -26.55 40.61 2.66
CA ALA A 264 -27.99 40.58 2.33
C ALA A 264 -28.21 39.97 0.95
N GLN A 265 -27.31 40.25 0.01
CA GLN A 265 -27.43 39.67 -1.34
C GLN A 265 -27.36 38.14 -1.32
N TYR A 266 -26.39 37.61 -0.58
CA TYR A 266 -26.22 36.16 -0.54
C TYR A 266 -27.23 35.49 0.39
N SER A 267 -27.61 36.17 1.47
CA SER A 267 -28.73 35.74 2.29
C SER A 267 -30.03 35.57 1.50
N TYR A 268 -30.30 36.48 0.58
CA TYR A 268 -31.50 36.37 -0.23
C TYR A 268 -31.47 35.12 -1.12
N VAL A 269 -30.33 34.88 -1.77
CA VAL A 269 -30.15 33.69 -2.60
C VAL A 269 -30.39 32.43 -1.80
N LEU A 270 -29.79 32.36 -0.63
CA LEU A 270 -29.90 31.16 0.19
C LEU A 270 -31.31 30.96 0.71
N GLY A 271 -31.99 32.06 1.03
CA GLY A 271 -33.37 31.99 1.48
C GLY A 271 -34.28 31.50 0.38
N GLU A 272 -34.03 31.95 -0.83
CA GLU A 272 -34.78 31.47 -1.99
C GLU A 272 -34.52 29.98 -2.24
N LEU A 273 -33.30 29.51 -1.99
CA LEU A 273 -33.03 28.10 -2.11
C LEU A 273 -33.76 27.30 -1.02
N GLU A 274 -33.79 27.82 0.20
CA GLU A 274 -34.44 27.11 1.30
C GLU A 274 -35.97 27.11 1.09
N LYS A 275 -36.51 28.18 0.54
CA LYS A 275 -37.92 28.23 0.18
C LYS A 275 -38.27 27.10 -0.79
N ARG A 276 -37.43 26.96 -1.81
CA ARG A 276 -37.60 25.87 -2.78
C ARG A 276 -37.51 24.52 -2.09
N ALA A 277 -36.58 24.42 -1.15
CA ALA A 277 -36.39 23.16 -0.43
C ALA A 277 -37.61 22.79 0.40
N LYS A 278 -38.19 23.77 1.07
CA LYS A 278 -39.34 23.50 1.93
C LYS A 278 -40.55 23.10 1.07
N ALA A 279 -40.57 23.56 -0.17
CA ALA A 279 -41.59 23.17 -1.13
C ALA A 279 -41.28 21.84 -1.83
N GLY A 280 -40.23 21.15 -1.41
CA GLY A 280 -39.94 19.82 -1.92
C GLY A 280 -38.89 19.71 -2.99
N LYS A 281 -38.13 20.79 -3.21
CA LYS A 281 -37.08 20.83 -4.22
C LYS A 281 -35.78 21.34 -3.62
N ARG A 282 -35.12 20.50 -2.83
CA ARG A 282 -33.88 20.88 -2.16
C ARG A 282 -32.66 20.53 -2.99
N LEU A 283 -31.83 21.52 -3.28
CA LEU A 283 -30.54 21.28 -3.92
C LEU A 283 -29.69 20.30 -3.14
N ALA A 284 -28.84 19.58 -3.86
CA ALA A 284 -27.99 18.61 -3.22
C ALA A 284 -27.04 19.26 -2.24
N PHE A 285 -26.58 20.47 -2.57
CA PHE A 285 -25.66 21.20 -1.71
C PHE A 285 -25.48 22.63 -2.14
N VAL A 286 -24.98 23.41 -1.20
CA VAL A 286 -24.46 24.73 -1.44
C VAL A 286 -22.96 24.65 -1.13
N HIS A 287 -22.17 25.18 -2.04
CA HIS A 287 -20.71 25.14 -1.97
C HIS A 287 -20.26 26.58 -1.77
N LEU A 288 -19.65 26.85 -0.62
CA LEU A 288 -19.20 28.21 -0.30
C LEU A 288 -17.68 28.31 -0.32
N VAL A 289 -17.18 29.28 -1.06
CA VAL A 289 -15.79 29.67 -0.88
C VAL A 289 -15.71 30.56 0.36
N GLU A 290 -14.69 30.33 1.17
CA GLU A 290 -14.50 31.00 2.44
C GLU A 290 -13.73 32.29 2.36
N PRO A 291 -13.95 33.19 3.32
CA PRO A 291 -13.17 34.42 3.36
C PRO A 291 -11.70 34.13 3.66
N ARG A 292 -11.39 32.87 3.97
CA ARG A 292 -10.01 32.41 4.11
C ARG A 292 -9.24 32.59 2.79
N VAL A 293 -9.97 32.56 1.67
CA VAL A 293 -9.43 32.78 0.33
C VAL A 293 -10.35 33.67 -0.51
N THR A 294 -10.09 34.97 -0.48
CA THR A 294 -10.86 35.91 -1.30
C THR A 294 -10.38 35.89 -2.75
N ASP A 295 -9.20 35.33 -2.96
CA ASP A 295 -8.56 35.34 -4.28
C ASP A 295 -7.58 34.16 -4.37
N PRO A 296 -7.89 33.16 -5.21
CA PRO A 296 -7.07 31.93 -5.17
C PRO A 296 -5.74 32.09 -5.91
N SER A 297 -5.52 33.26 -6.50
CA SER A 297 -4.23 33.52 -7.14
C SER A 297 -3.19 33.91 -6.08
N LEU A 298 -3.65 34.12 -4.85
CA LEU A 298 -2.76 34.49 -3.76
C LEU A 298 -2.43 33.27 -2.97
N VAL A 299 -1.24 33.21 -2.44
CA VAL A 299 -0.82 32.06 -1.69
C VAL A 299 -1.57 31.91 -0.36
N GLU A 300 -1.60 30.69 0.16
CA GLU A 300 -2.34 30.42 1.40
C GLU A 300 -1.95 31.38 2.50
N GLY A 301 -2.94 32.03 3.11
CA GLY A 301 -2.70 32.97 4.19
C GLY A 301 -2.74 34.41 3.76
N GLU A 302 -2.57 34.64 2.46
CA GLU A 302 -2.73 35.97 1.90
C GLU A 302 -4.15 36.12 1.41
N GLY A 303 -4.63 37.35 1.41
CA GLY A 303 -5.97 37.67 0.95
C GLY A 303 -7.07 37.14 1.86
N GLU A 304 -6.77 36.90 3.13
N GLU A 304 -6.73 36.90 3.12
CA GLU A 304 -7.79 36.42 4.08
CA GLU A 304 -7.72 36.54 4.12
C GLU A 304 -8.56 37.59 4.70
C GLU A 304 -8.56 37.75 4.44
N TYR A 305 -9.87 37.57 4.51
CA TYR A 305 -10.75 38.62 5.01
C TYR A 305 -11.20 38.21 6.39
N SER A 306 -10.92 39.05 7.39
CA SER A 306 -11.13 38.64 8.77
C SER A 306 -12.38 39.27 9.39
N GLU A 307 -13.11 40.08 8.63
CA GLU A 307 -14.21 40.84 9.19
C GLU A 307 -15.60 40.29 8.82
N GLY A 308 -15.65 39.06 8.33
CA GLY A 308 -16.93 38.40 8.10
C GLY A 308 -16.74 36.91 7.97
N THR A 309 -17.81 36.16 8.21
CA THR A 309 -17.79 34.72 8.12
C THR A 309 -18.97 34.23 7.32
N ASN A 310 -18.93 32.97 6.93
CA ASN A 310 -20.03 32.32 6.25
C ASN A 310 -21.03 31.70 7.24
N ASP A 311 -20.93 32.03 8.52
CA ASP A 311 -21.85 31.47 9.51
C ASP A 311 -23.31 31.76 9.19
N PHE A 312 -23.58 32.94 8.64
CA PHE A 312 -24.94 33.34 8.28
C PHE A 312 -25.64 32.26 7.45
N ALA A 313 -24.91 31.60 6.55
CA ALA A 313 -25.50 30.64 5.64
C ALA A 313 -26.21 29.50 6.36
N TYR A 314 -25.65 29.08 7.49
CA TYR A 314 -26.16 27.96 8.27
C TYR A 314 -27.51 28.24 8.93
N SER A 315 -27.79 29.52 9.21
CA SER A 315 -29.09 29.89 9.75
C SER A 315 -30.16 29.90 8.67
N ILE A 316 -29.77 29.98 7.41
CA ILE A 316 -30.76 30.15 6.33
C ILE A 316 -30.97 28.84 5.58
N TRP A 317 -29.89 28.33 5.01
CA TRP A 317 -29.91 27.08 4.24
C TRP A 317 -29.68 25.88 5.14
N LYS A 318 -30.56 24.89 5.04
CA LYS A 318 -30.56 23.77 5.97
C LYS A 318 -30.10 22.45 5.34
N GLY A 319 -29.51 22.51 4.15
CA GLY A 319 -28.93 21.32 3.54
C GLY A 319 -27.40 21.27 3.66
N PRO A 320 -26.79 20.32 2.95
CA PRO A 320 -25.34 20.23 2.97
C PRO A 320 -24.66 21.51 2.52
N ILE A 321 -23.54 21.80 3.18
CA ILE A 321 -22.68 22.90 2.81
C ILE A 321 -21.26 22.41 2.67
N ILE A 322 -20.70 22.61 1.48
CA ILE A 322 -19.28 22.37 1.26
C ILE A 322 -18.56 23.68 1.49
N ARG A 323 -17.47 23.65 2.25
CA ARG A 323 -16.68 24.86 2.51
C ARG A 323 -15.28 24.68 1.94
N ALA A 324 -14.79 25.69 1.22
CA ALA A 324 -13.46 25.61 0.63
C ALA A 324 -12.61 26.87 0.88
N GLY A 325 -11.33 26.65 1.16
CA GLY A 325 -10.36 27.74 1.23
C GLY A 325 -9.33 27.54 2.33
N ASN A 326 -8.13 27.15 1.94
CA ASN A 326 -6.99 27.03 2.83
C ASN A 326 -7.24 26.09 4.02
N TYR A 327 -7.85 24.94 3.78
CA TYR A 327 -8.11 24.00 4.86
C TYR A 327 -7.05 22.92 5.00
N ALA A 328 -6.30 22.65 3.94
CA ALA A 328 -5.33 21.56 3.97
C ALA A 328 -4.23 21.83 5.00
N LEU A 329 -3.76 23.06 5.03
CA LEU A 329 -2.70 23.45 5.96
C LEU A 329 -3.27 23.76 7.36
N HIS A 330 -4.58 23.60 7.56
CA HIS A 330 -5.22 23.95 8.84
C HIS A 330 -6.23 22.92 9.33
N PRO A 331 -5.72 21.72 9.63
CA PRO A 331 -6.56 20.65 10.15
C PRO A 331 -7.22 21.02 11.48
N GLU A 332 -6.64 21.97 12.20
CA GLU A 332 -7.21 22.41 13.47
C GLU A 332 -8.52 23.16 13.25
N VAL A 333 -8.63 23.82 12.10
CA VAL A 333 -9.82 24.59 11.76
C VAL A 333 -10.89 23.61 11.25
N VAL A 334 -10.47 22.72 10.36
CA VAL A 334 -11.36 21.65 9.90
C VAL A 334 -11.96 20.88 11.07
N ARG A 335 -11.13 20.49 12.03
CA ARG A 335 -11.60 19.68 13.16
C ARG A 335 -12.78 20.36 13.87
N GLU A 336 -12.73 21.68 14.00
CA GLU A 336 -13.80 22.44 14.62
C GLU A 336 -15.02 22.56 13.70
N GLN A 337 -14.80 22.83 12.42
CA GLN A 337 -15.93 23.12 11.54
C GLN A 337 -16.73 21.88 11.13
N VAL A 338 -16.11 20.70 11.09
CA VAL A 338 -16.89 19.50 10.73
C VAL A 338 -17.61 18.94 11.95
N LYS A 339 -17.49 19.59 13.09
CA LYS A 339 -18.37 19.25 14.21
C LYS A 339 -19.82 19.48 13.78
N ASP A 340 -20.03 20.45 12.91
CA ASP A 340 -21.36 20.60 12.32
C ASP A 340 -21.65 19.40 11.39
N PRO A 341 -22.79 18.73 11.59
CA PRO A 341 -22.99 17.44 10.91
C PRO A 341 -23.36 17.50 9.41
N ARG A 342 -23.49 18.68 8.82
CA ARG A 342 -23.84 18.76 7.40
C ARG A 342 -22.78 19.55 6.63
N THR A 343 -21.60 19.63 7.23
CA THR A 343 -20.46 20.36 6.64
C THR A 343 -19.46 19.41 5.98
N LEU A 344 -19.13 19.73 4.74
CA LEU A 344 -18.08 19.05 4.01
C LEU A 344 -16.98 20.07 3.72
N ILE A 345 -15.79 19.58 3.42
CA ILE A 345 -14.63 20.43 3.20
C ILE A 345 -14.02 20.18 1.81
N GLY A 346 -13.92 21.24 1.03
CA GLY A 346 -13.24 21.18 -0.24
C GLY A 346 -11.79 21.55 -0.08
N TYR A 347 -10.94 20.72 -0.66
CA TYR A 347 -9.51 20.91 -0.68
C TYR A 347 -9.07 21.08 -2.12
N GLY A 348 -8.64 22.29 -2.50
CA GLY A 348 -8.32 22.54 -3.90
C GLY A 348 -6.87 22.31 -4.22
N ARG A 349 -6.04 23.29 -3.92
CA ARG A 349 -4.64 23.25 -4.33
C ARG A 349 -3.91 22.03 -3.82
N PHE A 350 -4.23 21.52 -2.63
CA PHE A 350 -3.51 20.36 -2.15
C PHE A 350 -4.09 19.04 -2.64
N PHE A 351 -5.27 19.06 -3.27
CA PHE A 351 -5.71 17.89 -4.02
C PHE A 351 -4.97 17.86 -5.38
N ILE A 352 -4.62 19.01 -5.91
CA ILE A 352 -3.78 19.04 -7.10
C ILE A 352 -2.50 18.24 -6.85
N SER A 353 -1.84 18.49 -5.72
CA SER A 353 -0.54 17.86 -5.47
C SER A 353 -0.57 16.53 -4.71
N ASN A 354 -1.73 16.13 -4.20
CA ASN A 354 -1.82 14.89 -3.42
C ASN A 354 -2.93 14.00 -3.95
N PRO A 355 -2.59 13.05 -4.83
CA PRO A 355 -3.66 12.19 -5.35
C PRO A 355 -4.33 11.39 -4.24
N ASP A 356 -3.56 11.02 -3.22
CA ASP A 356 -4.07 10.30 -2.06
C ASP A 356 -4.30 11.25 -0.87
N LEU A 357 -4.83 12.45 -1.14
CA LEU A 357 -5.05 13.42 -0.08
C LEU A 357 -5.92 12.85 1.05
N VAL A 358 -6.96 12.09 0.70
CA VAL A 358 -7.91 11.64 1.73
C VAL A 358 -7.19 10.73 2.75
N TYR A 359 -6.43 9.78 2.25
CA TYR A 359 -5.59 8.93 3.11
C TYR A 359 -4.64 9.76 3.97
N ARG A 360 -4.00 10.77 3.39
CA ARG A 360 -3.10 11.61 4.16
C ARG A 360 -3.82 12.38 5.26
N LEU A 361 -5.06 12.80 4.99
CA LEU A 361 -5.87 13.48 5.99
C LEU A 361 -6.28 12.53 7.10
N GLU A 362 -6.64 11.31 6.69
CA GLU A 362 -7.10 10.31 7.62
C GLU A 362 -5.99 9.95 8.61
N GLU A 363 -4.79 9.78 8.09
CA GLU A 363 -3.68 9.27 8.87
C GLU A 363 -2.75 10.34 9.43
N GLY A 364 -3.03 11.62 9.12
CA GLY A 364 -2.16 12.68 9.58
C GLY A 364 -0.76 12.63 8.98
N LEU A 365 -0.68 12.46 7.67
CA LEU A 365 0.59 12.39 6.96
C LEU A 365 1.04 13.74 6.35
N PRO A 366 2.34 13.84 6.05
CA PRO A 366 2.84 15.03 5.34
C PRO A 366 2.14 15.20 3.99
N LEU A 367 2.07 16.45 3.53
CA LEU A 367 1.46 16.80 2.25
C LEU A 367 2.52 17.18 1.20
N ASN A 368 2.32 16.74 -0.04
CA ASN A 368 3.15 17.20 -1.15
C ASN A 368 2.92 18.67 -1.39
N LYS A 369 4.00 19.41 -1.52
CA LYS A 369 3.95 20.78 -1.99
C LYS A 369 3.40 20.81 -3.43
N TYR A 370 2.56 21.79 -3.75
CA TYR A 370 2.10 21.94 -5.13
C TYR A 370 3.07 22.84 -5.89
N ASP A 371 3.06 22.68 -7.21
CA ASP A 371 3.89 23.42 -8.13
C ASP A 371 3.01 24.27 -9.02
N ARG A 372 2.89 25.54 -8.65
CA ARG A 372 2.02 26.49 -9.33
C ARG A 372 2.38 26.61 -10.82
N SER A 373 3.64 26.38 -11.17
CA SER A 373 4.04 26.63 -12.55
C SER A 373 3.41 25.62 -13.52
N THR A 374 2.91 24.49 -13.02
CA THR A 374 2.25 23.52 -13.89
C THR A 374 0.74 23.42 -13.62
N PHE A 375 0.17 24.46 -13.00
CA PHE A 375 -1.27 24.45 -12.79
C PHE A 375 -2.00 24.39 -14.10
N TYR A 376 -1.49 25.09 -15.12
CA TYR A 376 -2.21 25.29 -16.38
C TYR A 376 -1.44 24.89 -17.64
N THR A 377 -0.36 24.15 -17.50
CA THR A 377 0.45 23.78 -18.65
C THR A 377 -0.12 22.55 -19.33
N MET A 378 0.16 22.38 -20.63
CA MET A 378 -0.31 21.19 -21.33
C MET A 378 0.71 20.09 -21.12
N SER A 379 0.69 19.52 -19.92
CA SER A 379 1.63 18.49 -19.53
C SER A 379 1.06 17.50 -18.54
N ALA A 380 1.55 16.27 -18.61
CA ALA A 380 1.32 15.27 -17.57
C ALA A 380 2.05 15.70 -16.32
N GLU A 381 3.20 16.35 -16.53
CA GLU A 381 3.99 16.88 -15.44
C GLU A 381 3.19 17.91 -14.64
N GLY A 382 3.11 17.73 -13.33
CA GLY A 382 2.30 18.60 -12.47
C GLY A 382 0.81 18.32 -12.56
N TYR A 383 0.46 17.16 -13.14
CA TYR A 383 -0.94 16.78 -13.35
C TYR A 383 -1.15 15.37 -12.82
N THR A 384 -0.45 14.39 -13.42
CA THR A 384 -0.59 12.97 -13.05
C THR A 384 0.65 12.37 -12.39
N ASP A 385 1.69 13.16 -12.18
CA ASP A 385 2.95 12.62 -11.69
C ASP A 385 3.27 13.05 -10.25
N TYR A 386 2.29 13.62 -9.56
CA TYR A 386 2.47 13.83 -8.13
C TYR A 386 2.35 12.48 -7.43
N PRO A 387 3.29 12.17 -6.51
CA PRO A 387 3.33 10.85 -5.88
C PRO A 387 2.35 10.67 -4.73
N THR A 388 1.91 9.42 -4.55
CA THR A 388 1.23 9.04 -3.31
C THR A 388 2.24 9.13 -2.17
N TYR A 389 1.77 8.99 -0.94
CA TYR A 389 2.67 9.10 0.19
C TYR A 389 3.77 8.03 0.12
N GLU A 390 3.39 6.78 -0.12
CA GLU A 390 4.37 5.69 -0.11
C GLU A 390 5.40 5.94 -1.22
N GLU A 391 4.93 6.37 -2.39
CA GLU A 391 5.83 6.76 -3.48
C GLU A 391 6.76 7.90 -3.08
N ALA A 392 6.26 8.91 -2.36
CA ALA A 392 7.10 10.03 -1.97
C ALA A 392 8.18 9.57 -1.00
N VAL A 393 7.82 8.64 -0.12
CA VAL A 393 8.79 8.14 0.86
C VAL A 393 9.93 7.43 0.12
N ASP A 394 9.60 6.69 -0.94
CA ASP A 394 10.62 6.01 -1.74
C ASP A 394 11.54 6.96 -2.45
N LEU A 395 11.02 8.12 -2.84
CA LEU A 395 11.83 9.14 -3.49
C LEU A 395 12.61 9.93 -2.43
N GLY A 396 12.47 9.55 -1.16
CA GLY A 396 13.26 10.15 -0.10
C GLY A 396 12.70 11.44 0.44
N TRP A 397 11.45 11.76 0.10
CA TRP A 397 10.87 13.04 0.46
C TRP A 397 10.77 13.22 1.97
N ASN A 398 10.83 12.12 2.71
CA ASN A 398 10.81 12.16 4.16
C ASN A 398 12.22 12.38 4.71
N PRO B 2 40.67 -33.43 14.14
CA PRO B 2 41.05 -33.59 15.55
C PRO B 2 39.86 -33.30 16.45
N PHE B 3 39.96 -33.64 17.73
CA PHE B 3 38.89 -33.30 18.66
C PHE B 3 38.95 -31.82 19.09
N VAL B 4 37.81 -31.28 19.50
CA VAL B 4 37.74 -29.93 20.03
C VAL B 4 38.58 -29.85 21.31
N LYS B 5 39.52 -28.90 21.35
CA LYS B 5 40.40 -28.71 22.51
C LYS B 5 39.62 -28.01 23.60
N GLY B 6 39.83 -28.44 24.84
CA GLY B 6 39.27 -27.74 25.98
C GLY B 6 37.85 -28.14 26.31
N PHE B 7 37.20 -28.86 25.39
CA PHE B 7 35.84 -29.28 25.62
C PHE B 7 35.78 -30.40 26.65
N GLU B 8 34.98 -30.20 27.68
CA GLU B 8 34.75 -31.20 28.71
C GLU B 8 33.41 -31.88 28.48
N PRO B 9 33.42 -33.08 27.89
CA PRO B 9 32.15 -33.71 27.57
C PRO B 9 31.38 -34.16 28.80
N ILE B 10 30.06 -34.16 28.68
CA ILE B 10 29.18 -34.69 29.71
C ILE B 10 28.28 -35.72 29.07
N SER B 11 28.20 -36.91 29.65
CA SER B 11 27.30 -37.93 29.14
C SER B 11 25.86 -37.52 29.41
N LEU B 12 25.02 -37.56 28.38
CA LEU B 12 23.63 -37.15 28.48
C LEU B 12 22.67 -38.34 28.49
N ARG B 13 23.26 -39.53 28.70
CA ARG B 13 22.54 -40.80 28.76
C ARG B 13 21.32 -40.84 29.67
N ASP B 14 21.44 -40.27 30.87
N ASP B 14 21.47 -40.12 30.79
CA ASP B 14 20.32 -40.34 31.81
CA ASP B 14 20.56 -40.16 31.92
C ASP B 14 19.62 -38.99 31.85
C ASP B 14 19.45 -39.12 31.83
N THR B 15 19.33 -38.46 30.66
CA THR B 15 18.44 -37.31 30.49
C THR B 15 17.37 -37.64 29.46
N ASN B 16 16.42 -36.73 29.30
CA ASN B 16 15.37 -36.93 28.30
C ASN B 16 15.87 -36.85 26.87
N LEU B 17 17.08 -36.33 26.65
CA LEU B 17 17.65 -36.41 25.31
C LEU B 17 17.62 -37.84 24.75
N PHE B 18 17.66 -38.84 25.64
CA PHE B 18 17.66 -40.24 25.20
C PHE B 18 16.40 -40.98 25.66
N GLU B 19 15.29 -40.25 25.66
CA GLU B 19 13.97 -40.85 25.82
C GLU B 19 13.25 -40.77 24.48
N PRO B 20 12.54 -41.86 24.11
CA PRO B 20 11.80 -41.83 22.84
C PRO B 20 10.71 -40.78 22.82
N ILE B 21 10.32 -40.39 21.62
CA ILE B 21 9.26 -39.41 21.47
C ILE B 21 8.66 -39.58 20.09
N LYS B 22 7.35 -39.43 20.00
CA LYS B 22 6.67 -39.45 18.73
C LYS B 22 6.70 -38.06 18.08
N ILE B 23 7.13 -37.99 16.82
CA ILE B 23 7.09 -36.74 16.05
C ILE B 23 6.34 -37.02 14.74
N GLY B 24 5.14 -36.49 14.61
CA GLY B 24 4.32 -36.79 13.46
C GLY B 24 4.05 -38.29 13.41
N ASN B 25 4.23 -38.85 12.23
CA ASN B 25 4.07 -40.29 11.99
C ASN B 25 5.29 -41.12 12.42
N THR B 26 6.31 -40.45 12.96
CA THR B 26 7.59 -41.12 13.23
C THR B 26 7.72 -41.40 14.72
N GLN B 27 8.54 -42.38 15.04
CA GLN B 27 8.84 -42.75 16.42
C GLN B 27 10.34 -42.64 16.64
N LEU B 28 10.77 -41.59 17.33
CA LEU B 28 12.20 -41.37 17.56
C LEU B 28 12.68 -42.16 18.77
N ALA B 29 13.94 -42.57 18.75
CA ALA B 29 14.55 -43.24 19.89
C ALA B 29 15.21 -42.24 20.85
N HIS B 30 15.46 -41.03 20.37
CA HIS B 30 16.16 -40.01 21.14
C HIS B 30 15.84 -38.66 20.50
N ARG B 31 16.26 -37.59 21.15
CA ARG B 31 15.78 -36.25 20.82
C ARG B 31 16.88 -35.32 20.30
N ALA B 32 17.99 -35.92 19.86
CA ALA B 32 19.05 -35.20 19.16
C ALA B 32 18.74 -35.21 17.67
N VAL B 33 18.48 -34.03 17.14
CA VAL B 33 17.99 -33.83 15.78
C VAL B 33 19.10 -33.24 14.90
N MET B 34 19.22 -33.74 13.67
CA MET B 34 20.07 -33.08 12.69
C MET B 34 19.24 -32.01 12.00
N PRO B 35 19.56 -30.73 12.26
CA PRO B 35 18.79 -29.65 11.67
C PRO B 35 19.23 -29.43 10.24
N PRO B 36 18.47 -28.63 9.49
CA PRO B 36 18.83 -28.35 8.12
C PRO B 36 20.19 -27.67 7.99
N LEU B 37 21.00 -28.19 7.06
CA LEU B 37 22.34 -27.69 6.85
C LEU B 37 22.68 -27.70 5.36
N THR B 38 22.65 -26.51 4.77
CA THR B 38 23.05 -26.26 3.39
C THR B 38 24.52 -26.65 3.22
N ARG B 39 24.81 -27.47 2.22
CA ARG B 39 26.16 -27.98 2.01
C ARG B 39 26.67 -27.78 0.58
N MET B 40 25.77 -27.37 -0.31
CA MET B 40 26.13 -26.95 -1.66
C MET B 40 26.78 -28.06 -2.50
N ARG B 41 26.37 -29.31 -2.31
CA ARG B 41 26.90 -30.40 -3.12
C ARG B 41 25.94 -30.79 -4.26
N ALA B 42 24.83 -30.09 -4.39
CA ALA B 42 23.94 -30.40 -5.53
C ALA B 42 24.60 -29.90 -6.85
N THR B 43 24.27 -30.55 -7.97
CA THR B 43 24.94 -30.21 -9.21
C THR B 43 24.12 -29.31 -10.10
N HIS B 44 24.83 -28.60 -10.97
CA HIS B 44 24.30 -27.62 -11.90
C HIS B 44 24.54 -28.15 -13.32
N PRO B 45 23.57 -28.00 -14.24
CA PRO B 45 22.24 -27.39 -14.10
C PRO B 45 21.23 -28.28 -13.39
N GLY B 46 20.16 -27.65 -12.93
CA GLY B 46 18.98 -28.37 -12.47
C GLY B 46 18.89 -28.61 -10.97
N ASN B 47 19.85 -28.09 -10.21
CA ASN B 47 19.82 -28.23 -8.76
C ASN B 47 19.56 -29.68 -8.32
N ILE B 48 20.38 -30.60 -8.85
CA ILE B 48 20.18 -32.02 -8.63
C ILE B 48 20.98 -32.50 -7.43
N PRO B 49 20.32 -33.18 -6.46
CA PRO B 49 21.07 -33.70 -5.32
C PRO B 49 22.29 -34.53 -5.74
N ASN B 50 23.34 -34.46 -4.92
CA ASN B 50 24.61 -35.13 -5.23
C ASN B 50 24.44 -36.64 -5.26
N LYS B 51 24.74 -37.24 -6.39
CA LYS B 51 24.53 -38.69 -6.55
C LYS B 51 25.65 -39.51 -5.94
N GLU B 52 26.82 -38.91 -5.78
CA GLU B 52 27.97 -39.64 -5.21
C GLU B 52 27.97 -39.69 -3.70
N TRP B 53 27.67 -38.56 -3.07
CA TRP B 53 28.06 -38.37 -1.67
C TRP B 53 26.89 -38.08 -0.73
N ALA B 54 25.78 -37.56 -1.24
CA ALA B 54 24.72 -37.07 -0.34
C ALA B 54 24.06 -38.21 0.44
N ALA B 55 23.71 -39.32 -0.24
CA ALA B 55 23.11 -40.47 0.46
C ALA B 55 24.10 -40.99 1.51
N VAL B 56 25.38 -40.99 1.18
CA VAL B 56 26.38 -41.49 2.12
C VAL B 56 26.42 -40.56 3.35
N TYR B 57 26.49 -39.25 3.10
CA TYR B 57 26.54 -38.26 4.16
C TYR B 57 25.37 -38.36 5.15
N TYR B 58 24.18 -38.41 4.60
CA TYR B 58 22.98 -38.49 5.41
C TYR B 58 22.87 -39.85 6.09
N GLY B 59 23.26 -40.91 5.37
CA GLY B 59 23.23 -42.25 5.92
C GLY B 59 24.17 -42.36 7.10
N GLN B 60 25.32 -41.73 6.98
CA GLN B 60 26.26 -41.70 8.08
C GLN B 60 25.63 -41.10 9.32
N ARG B 61 24.96 -39.97 9.15
CA ARG B 61 24.42 -39.22 10.28
C ARG B 61 23.10 -39.80 10.77
N ALA B 62 22.49 -40.67 9.98
CA ALA B 62 21.30 -41.42 10.39
C ALA B 62 21.61 -42.69 11.18
N GLN B 63 22.90 -42.98 11.42
CA GLN B 63 23.31 -44.33 11.85
C GLN B 63 22.73 -44.82 13.17
N ARG B 64 22.36 -43.91 14.08
CA ARG B 64 21.69 -44.36 15.30
C ARG B 64 20.21 -44.52 14.99
N PRO B 65 19.66 -45.74 15.16
CA PRO B 65 18.26 -45.94 14.81
C PRO B 65 17.35 -44.96 15.53
N GLY B 66 16.34 -44.48 14.83
CA GLY B 66 15.38 -43.58 15.43
C GLY B 66 15.85 -42.13 15.53
N THR B 67 16.75 -41.72 14.64
CA THR B 67 17.18 -40.32 14.54
C THR B 67 16.32 -39.51 13.58
N MET B 68 16.02 -38.28 13.96
CA MET B 68 15.35 -37.35 13.09
C MET B 68 16.37 -36.51 12.34
N ILE B 69 16.27 -36.56 11.02
CA ILE B 69 17.12 -35.79 10.12
C ILE B 69 16.24 -34.82 9.34
N ILE B 70 16.59 -33.54 9.38
CA ILE B 70 15.97 -32.55 8.51
C ILE B 70 17.01 -32.22 7.46
N THR B 71 16.61 -32.23 6.18
CA THR B 71 17.54 -31.99 5.10
C THR B 71 17.95 -30.53 5.06
N GLU B 72 19.04 -30.30 4.35
CA GLU B 72 19.39 -29.01 3.83
C GLU B 72 18.20 -28.31 3.19
N GLY B 73 18.18 -26.99 3.27
CA GLY B 73 17.22 -26.21 2.51
C GLY B 73 17.12 -26.67 1.06
N THR B 74 15.90 -26.90 0.62
CA THR B 74 15.65 -27.47 -0.70
C THR B 74 14.62 -26.61 -1.41
N PHE B 75 15.01 -26.08 -2.57
CA PHE B 75 14.13 -25.15 -3.31
C PHE B 75 12.85 -25.79 -3.80
N ILE B 76 11.75 -25.07 -3.62
CA ILE B 76 10.45 -25.55 -4.04
C ILE B 76 10.19 -25.38 -5.54
N SER B 77 10.97 -24.53 -6.19
CA SER B 77 10.79 -24.16 -7.60
C SER B 77 11.99 -23.33 -8.04
N PRO B 78 12.23 -23.22 -9.35
CA PRO B 78 13.31 -22.34 -9.83
C PRO B 78 13.20 -20.92 -9.26
N GLN B 79 12.00 -20.32 -9.28
CA GLN B 79 11.81 -18.93 -8.82
C GLN B 79 12.13 -18.77 -7.32
N ALA B 80 11.99 -19.86 -6.56
CA ALA B 80 12.33 -19.84 -5.12
C ALA B 80 13.83 -19.90 -4.83
N GLY B 81 14.63 -20.19 -5.86
CA GLY B 81 16.04 -20.47 -5.69
C GLY B 81 17.00 -19.35 -6.08
N GLY B 82 18.13 -19.73 -6.68
CA GLY B 82 19.18 -18.79 -7.09
C GLY B 82 20.58 -19.22 -6.69
N TYR B 83 20.67 -20.32 -5.94
CA TYR B 83 21.95 -20.93 -5.61
C TYR B 83 22.12 -22.22 -6.44
N ASP B 84 23.08 -22.20 -7.34
CA ASP B 84 23.26 -23.27 -8.32
C ASP B 84 23.51 -24.66 -7.73
N ASN B 85 24.12 -24.68 -6.55
CA ASN B 85 24.51 -25.95 -5.94
C ASN B 85 23.73 -26.32 -4.68
N ALA B 86 22.58 -25.68 -4.46
CA ALA B 86 21.65 -26.17 -3.47
C ALA B 86 20.57 -26.96 -4.22
N PRO B 87 20.05 -28.04 -3.62
CA PRO B 87 19.10 -28.88 -4.34
C PRO B 87 17.71 -28.32 -4.38
N GLY B 88 16.93 -28.78 -5.37
CA GLY B 88 15.49 -28.57 -5.43
C GLY B 88 14.74 -29.88 -5.33
N ILE B 89 13.41 -29.80 -5.25
CA ILE B 89 12.61 -31.02 -5.28
C ILE B 89 11.33 -30.81 -6.09
N TRP B 90 11.40 -29.93 -7.09
CA TRP B 90 10.26 -29.74 -8.00
C TRP B 90 10.29 -30.67 -9.23
N SER B 91 11.44 -31.28 -9.56
CA SER B 91 11.56 -32.02 -10.83
C SER B 91 11.72 -33.53 -10.63
N ASP B 92 11.37 -34.28 -11.65
CA ASP B 92 11.57 -35.73 -11.63
C ASP B 92 13.02 -36.12 -11.40
N GLU B 93 13.96 -35.41 -12.03
CA GLU B 93 15.36 -35.75 -11.90
C GLU B 93 15.85 -35.54 -10.48
N GLN B 94 15.37 -34.48 -9.84
CA GLN B 94 15.68 -34.25 -8.43
C GLN B 94 15.06 -35.35 -7.56
N VAL B 95 13.78 -35.63 -7.78
CA VAL B 95 13.09 -36.63 -6.98
C VAL B 95 13.80 -37.98 -7.05
N ALA B 96 14.32 -38.32 -8.22
CA ALA B 96 15.01 -39.60 -8.41
C ALA B 96 16.18 -39.77 -7.44
N GLU B 97 16.97 -38.73 -7.20
N GLU B 97 16.95 -38.71 -7.21
CA GLU B 97 18.08 -38.88 -6.28
CA GLU B 97 18.09 -38.82 -6.31
C GLU B 97 17.62 -38.78 -4.84
C GLU B 97 17.66 -38.72 -4.84
N TRP B 98 16.65 -37.89 -4.56
CA TRP B 98 16.12 -37.81 -3.18
C TRP B 98 15.63 -39.18 -2.70
N LYS B 99 15.04 -39.95 -3.60
CA LYS B 99 14.60 -41.30 -3.25
C LYS B 99 15.73 -42.14 -2.67
N ASN B 100 16.91 -42.07 -3.30
CA ASN B 100 18.09 -42.80 -2.82
C ASN B 100 18.58 -42.26 -1.48
N ILE B 101 18.48 -40.96 -1.32
CA ILE B 101 18.88 -40.33 -0.07
C ILE B 101 17.94 -40.77 1.05
N PHE B 102 16.63 -40.78 0.80
CA PHE B 102 15.70 -41.16 1.86
C PHE B 102 15.85 -42.66 2.16
N LEU B 103 16.20 -43.45 1.15
CA LEU B 103 16.43 -44.89 1.36
C LEU B 103 17.61 -45.11 2.30
N ALA B 104 18.69 -44.35 2.13
CA ALA B 104 19.84 -44.46 3.03
C ALA B 104 19.46 -44.19 4.49
N ILE B 105 18.66 -43.15 4.70
CA ILE B 105 18.24 -42.78 6.04
C ILE B 105 17.30 -43.84 6.62
N HIS B 106 16.35 -44.28 5.82
CA HIS B 106 15.39 -45.29 6.27
C HIS B 106 16.07 -46.64 6.51
N ASP B 107 17.07 -46.95 5.72
CA ASP B 107 17.83 -48.14 5.94
C ASP B 107 18.42 -48.20 7.36
N CYS B 108 18.72 -47.06 7.95
CA CYS B 108 19.17 -46.96 9.33
C CYS B 108 18.04 -46.92 10.36
N GLN B 109 16.80 -47.00 9.87
CA GLN B 109 15.60 -46.90 10.70
C GLN B 109 15.53 -45.52 11.35
N SER B 110 15.93 -44.53 10.57
CA SER B 110 15.82 -43.13 10.96
C SER B 110 14.84 -42.41 10.01
N PHE B 111 14.65 -41.11 10.18
CA PHE B 111 13.59 -40.38 9.49
C PHE B 111 14.11 -39.15 8.78
N ALA B 112 13.42 -38.77 7.71
CA ALA B 112 13.86 -37.66 6.88
C ALA B 112 12.75 -36.63 6.65
N TRP B 113 13.07 -35.37 6.94
CA TRP B 113 12.15 -34.27 6.71
C TRP B 113 12.79 -33.32 5.72
N VAL B 114 12.12 -33.01 4.61
CA VAL B 114 12.65 -32.06 3.65
C VAL B 114 12.33 -30.64 4.10
N GLN B 115 13.37 -29.82 4.21
CA GLN B 115 13.16 -28.41 4.47
C GLN B 115 12.88 -27.72 3.16
N LEU B 116 11.69 -27.13 3.06
CA LEU B 116 11.23 -26.44 1.86
C LEU B 116 11.63 -24.96 1.95
N TRP B 117 12.35 -24.49 0.92
CA TRP B 117 13.12 -23.25 0.96
C TRP B 117 12.73 -22.28 -0.14
N SER B 118 12.55 -21.01 0.22
CA SER B 118 12.45 -19.96 -0.77
C SER B 118 13.31 -18.81 -0.26
N LEU B 119 14.11 -18.22 -1.14
CA LEU B 119 15.15 -17.27 -0.71
C LEU B 119 14.76 -15.80 -0.57
N GLY B 120 13.83 -15.31 -1.39
CA GLY B 120 13.54 -13.89 -1.42
C GLY B 120 14.80 -13.07 -1.64
N TRP B 121 15.01 -12.07 -0.81
CA TRP B 121 16.06 -11.10 -1.09
C TRP B 121 17.48 -11.61 -0.85
N ALA B 122 17.60 -12.82 -0.29
CA ALA B 122 18.92 -13.41 -0.04
C ALA B 122 19.47 -14.10 -1.29
N SER B 123 18.68 -14.17 -2.36
CA SER B 123 19.12 -14.78 -3.62
C SER B 123 20.08 -13.85 -4.37
N PHE B 124 20.62 -14.37 -5.47
CA PHE B 124 21.57 -13.66 -6.31
C PHE B 124 20.86 -13.15 -7.54
N PRO B 125 20.70 -11.81 -7.65
CA PRO B 125 19.89 -11.29 -8.76
C PRO B 125 20.48 -11.58 -10.14
N ASP B 126 21.79 -11.71 -10.23
CA ASP B 126 22.42 -12.01 -11.51
C ASP B 126 22.18 -13.44 -11.95
N VAL B 127 22.18 -14.37 -11.01
CA VAL B 127 21.88 -15.77 -11.33
C VAL B 127 20.41 -15.92 -11.73
N LEU B 128 19.52 -15.25 -11.01
CA LEU B 128 18.11 -15.27 -11.37
C LEU B 128 17.89 -14.69 -12.78
N ALA B 129 18.60 -13.60 -13.08
CA ALA B 129 18.48 -12.94 -14.38
C ALA B 129 18.88 -13.88 -15.49
N ARG B 130 19.99 -14.57 -15.28
CA ARG B 130 20.44 -15.63 -16.21
C ARG B 130 19.31 -16.58 -16.58
N ASP B 131 18.53 -17.00 -15.58
CA ASP B 131 17.47 -17.99 -15.80
C ASP B 131 16.11 -17.38 -16.10
N GLY B 132 16.04 -16.07 -16.27
CA GLY B 132 14.77 -15.44 -16.60
C GLY B 132 13.85 -15.30 -15.39
N LEU B 133 14.43 -15.29 -14.20
CA LEU B 133 13.67 -15.25 -12.95
C LEU B 133 13.78 -13.90 -12.24
N ARG B 134 12.69 -13.52 -11.55
CA ARG B 134 12.63 -12.28 -10.79
C ARG B 134 13.50 -12.36 -9.55
N TYR B 135 13.88 -11.20 -9.05
CA TYR B 135 14.52 -11.04 -7.77
C TYR B 135 13.43 -10.65 -6.77
N ASP B 136 12.95 -11.63 -6.01
CA ASP B 136 11.72 -11.45 -5.20
C ASP B 136 11.95 -10.99 -3.78
N CYS B 137 10.98 -10.24 -3.25
CA CYS B 137 11.09 -9.72 -1.90
C CYS B 137 9.69 -9.31 -1.39
N ALA B 138 9.60 -8.95 -0.12
CA ALA B 138 8.35 -8.43 0.43
C ALA B 138 8.11 -7.01 -0.07
N SER B 139 9.16 -6.19 -0.02
N SER B 139 9.15 -6.17 0.03
CA SER B 139 9.05 -4.81 -0.42
CA SER B 139 9.07 -4.76 -0.35
C SER B 139 10.32 -4.28 -1.07
C SER B 139 10.34 -4.31 -1.08
N ASP B 140 10.21 -3.84 -2.32
CA ASP B 140 11.38 -3.35 -3.04
C ASP B 140 11.96 -2.03 -2.50
N ARG B 141 11.37 -1.48 -1.43
CA ARG B 141 11.90 -0.28 -0.79
C ARG B 141 13.10 -0.57 0.08
N VAL B 142 13.28 -1.83 0.40
CA VAL B 142 14.36 -2.26 1.29
C VAL B 142 15.12 -3.40 0.64
N TYR B 143 16.43 -3.30 0.64
CA TYR B 143 17.34 -4.33 0.15
C TYR B 143 18.08 -4.94 1.33
N MET B 144 18.56 -6.16 1.15
CA MET B 144 19.19 -6.86 2.26
C MET B 144 20.52 -6.22 2.61
N ASN B 145 21.28 -5.83 1.60
CA ASN B 145 22.49 -5.06 1.82
C ASN B 145 22.88 -4.34 0.54
N ALA B 146 23.89 -3.48 0.64
CA ALA B 146 24.36 -2.67 -0.48
C ALA B 146 24.95 -3.49 -1.63
N THR B 147 25.61 -4.59 -1.32
CA THR B 147 26.21 -5.43 -2.35
C THR B 147 25.14 -6.03 -3.25
N LEU B 148 24.08 -6.58 -2.65
CA LEU B 148 23.04 -7.21 -3.45
C LEU B 148 22.25 -6.13 -4.17
N GLN B 149 22.11 -4.95 -3.57
CA GLN B 149 21.38 -3.90 -4.25
C GLN B 149 22.15 -3.49 -5.52
N GLU B 150 23.47 -3.44 -5.40
CA GLU B 150 24.34 -3.07 -6.52
C GLU B 150 24.26 -4.13 -7.60
N LYS B 151 24.37 -5.39 -7.19
CA LYS B 151 24.24 -6.51 -8.11
C LYS B 151 22.91 -6.47 -8.85
N ALA B 152 21.84 -6.14 -8.13
CA ALA B 152 20.52 -6.07 -8.74
C ALA B 152 20.50 -5.06 -9.89
N LYS B 153 21.08 -3.87 -9.68
CA LYS B 153 21.12 -2.83 -10.71
C LYS B 153 21.94 -3.30 -11.90
N ASP B 154 23.12 -3.82 -11.59
CA ASP B 154 24.05 -4.28 -12.62
C ASP B 154 23.44 -5.39 -13.49
N ALA B 155 22.55 -6.19 -12.88
CA ALA B 155 21.95 -7.32 -13.58
C ALA B 155 20.67 -6.93 -14.28
N ASN B 156 20.26 -5.67 -14.13
CA ASN B 156 18.96 -5.23 -14.64
C ASN B 156 17.86 -6.12 -14.09
N ASN B 157 18.00 -6.45 -12.81
CA ASN B 157 17.02 -7.31 -12.13
C ASN B 157 16.74 -6.79 -10.74
N LEU B 158 16.13 -5.61 -10.67
CA LEU B 158 15.85 -4.96 -9.40
C LEU B 158 14.83 -5.76 -8.60
N GLU B 159 14.78 -5.50 -7.29
CA GLU B 159 13.84 -6.21 -6.43
C GLU B 159 12.44 -6.04 -6.96
N HIS B 160 11.70 -7.12 -6.84
CA HIS B 160 10.31 -7.17 -7.24
C HIS B 160 9.43 -7.47 -6.00
N SER B 161 8.64 -6.50 -5.57
CA SER B 161 7.69 -6.71 -4.47
C SER B 161 6.67 -7.73 -4.92
N LEU B 162 6.47 -8.81 -4.17
CA LEU B 162 5.55 -9.84 -4.61
C LEU B 162 4.15 -9.27 -4.76
N THR B 163 3.46 -9.69 -5.82
CA THR B 163 2.04 -9.43 -5.99
C THR B 163 1.26 -10.54 -5.28
N LYS B 164 -0.04 -10.33 -5.10
CA LYS B 164 -0.88 -11.38 -4.54
C LYS B 164 -0.85 -12.63 -5.40
N ASP B 165 -0.76 -12.45 -6.72
CA ASP B 165 -0.70 -13.59 -7.63
C ASP B 165 0.63 -14.31 -7.49
N ASP B 166 1.72 -13.56 -7.30
CA ASP B 166 3.04 -14.18 -7.05
C ASP B 166 2.98 -15.06 -5.82
N ILE B 167 2.29 -14.57 -4.79
CA ILE B 167 2.18 -15.30 -3.53
C ILE B 167 1.34 -16.58 -3.75
N LYS B 168 0.25 -16.48 -4.52
CA LYS B 168 -0.51 -17.65 -4.88
C LYS B 168 0.37 -18.70 -5.58
N GLN B 169 1.28 -18.26 -6.44
CA GLN B 169 2.15 -19.19 -7.15
C GLN B 169 3.18 -19.82 -6.18
N TYR B 170 3.73 -19.04 -5.25
CA TYR B 170 4.60 -19.63 -4.24
C TYR B 170 3.89 -20.72 -3.47
N ILE B 171 2.64 -20.48 -3.10
CA ILE B 171 1.88 -21.45 -2.33
C ILE B 171 1.70 -22.72 -3.16
N LYS B 172 1.37 -22.60 -4.44
CA LYS B 172 1.32 -23.75 -5.35
C LYS B 172 2.66 -24.48 -5.46
N ASP B 173 3.75 -23.73 -5.49
CA ASP B 173 5.10 -24.31 -5.51
C ASP B 173 5.37 -25.07 -4.22
N TYR B 174 4.97 -24.51 -3.06
CA TYR B 174 5.13 -25.24 -1.79
C TYR B 174 4.32 -26.55 -1.82
N ILE B 175 3.08 -26.48 -2.30
CA ILE B 175 2.23 -27.66 -2.38
C ILE B 175 2.90 -28.76 -3.23
N HIS B 176 3.38 -28.36 -4.39
CA HIS B 176 3.96 -29.31 -5.33
C HIS B 176 5.23 -29.93 -4.76
N ALA B 177 6.07 -29.09 -4.17
CA ALA B 177 7.32 -29.58 -3.60
C ALA B 177 7.07 -30.51 -2.42
N ALA B 178 6.05 -30.20 -1.64
CA ALA B 178 5.69 -31.07 -0.51
C ALA B 178 5.13 -32.41 -1.00
N LYS B 179 4.28 -32.39 -2.02
CA LYS B 179 3.76 -33.64 -2.60
CA LYS B 179 3.77 -33.64 -2.61
C LYS B 179 4.93 -34.49 -3.12
N ASN B 180 5.89 -33.84 -3.76
CA ASN B 180 7.03 -34.55 -4.33
C ASN B 180 7.88 -35.14 -3.21
N SER B 181 8.05 -34.38 -2.12
CA SER B 181 8.87 -34.82 -1.00
C SER B 181 8.29 -36.10 -0.42
N ILE B 182 6.99 -36.10 -0.17
CA ILE B 182 6.32 -37.26 0.43
C ILE B 182 6.28 -38.44 -0.55
N ALA B 183 6.06 -38.16 -1.83
CA ALA B 183 6.04 -39.22 -2.86
C ALA B 183 7.41 -39.86 -3.04
N ALA B 184 8.45 -39.06 -2.84
CA ALA B 184 9.83 -39.52 -2.93
C ALA B 184 10.20 -40.39 -1.73
N GLY B 185 9.38 -40.31 -0.70
CA GLY B 185 9.60 -41.10 0.48
C GLY B 185 9.87 -40.36 1.77
N ALA B 186 9.85 -39.03 1.76
CA ALA B 186 10.11 -38.29 2.99
C ALA B 186 9.03 -38.56 4.03
N ASP B 187 9.42 -38.51 5.30
CA ASP B 187 8.49 -38.64 6.41
C ASP B 187 7.70 -37.35 6.73
N GLY B 188 8.16 -36.23 6.17
CA GLY B 188 7.52 -34.95 6.40
C GLY B 188 8.33 -33.84 5.75
N VAL B 189 7.85 -32.60 5.90
CA VAL B 189 8.55 -31.42 5.45
C VAL B 189 8.65 -30.40 6.58
N GLU B 190 9.66 -29.54 6.51
CA GLU B 190 9.75 -28.39 7.39
C GLU B 190 9.65 -27.15 6.53
N ILE B 191 8.73 -26.27 6.88
CA ILE B 191 8.61 -24.98 6.21
C ILE B 191 9.64 -24.02 6.80
N HIS B 192 10.60 -23.59 5.98
CA HIS B 192 11.60 -22.65 6.43
C HIS B 192 10.97 -21.27 6.48
N SER B 193 10.69 -20.78 7.69
CA SER B 193 10.17 -19.42 7.86
C SER B 193 11.11 -18.64 8.75
N ALA B 194 12.39 -18.99 8.67
CA ALA B 194 13.42 -18.44 9.55
C ALA B 194 14.61 -17.87 8.79
N ASN B 195 15.57 -17.37 9.57
CA ASN B 195 16.90 -16.96 9.13
C ASN B 195 16.92 -15.97 7.97
N GLY B 196 15.87 -15.15 7.87
CA GLY B 196 15.82 -14.05 6.93
C GLY B 196 15.60 -14.44 5.47
N TYR B 197 15.06 -15.64 5.23
CA TYR B 197 14.67 -16.00 3.87
C TYR B 197 13.24 -15.51 3.60
N LEU B 198 12.62 -15.93 2.50
CA LEU B 198 11.45 -15.21 1.99
C LEU B 198 10.31 -15.10 3.01
N LEU B 199 9.94 -16.21 3.64
CA LEU B 199 8.80 -16.13 4.56
C LEU B 199 9.15 -15.30 5.79
N ASN B 200 10.39 -15.40 6.28
CA ASN B 200 10.84 -14.57 7.39
C ASN B 200 10.79 -13.08 6.96
N GLN B 201 11.15 -12.80 5.70
CA GLN B 201 11.09 -11.43 5.19
C GLN B 201 9.69 -10.87 5.25
N PHE B 202 8.65 -11.71 5.12
CA PHE B 202 7.30 -11.20 5.29
C PHE B 202 6.95 -11.03 6.77
N LEU B 203 7.50 -11.89 7.64
CA LEU B 203 7.23 -11.74 9.07
C LEU B 203 7.84 -10.50 9.68
N ASP B 204 8.96 -10.04 9.13
CA ASP B 204 9.80 -9.08 9.83
C ASP B 204 9.49 -7.67 9.36
N PRO B 205 9.32 -6.74 10.32
CA PRO B 205 8.94 -5.37 9.94
C PRO B 205 10.05 -4.55 9.31
N HIS B 206 11.28 -5.02 9.36
CA HIS B 206 12.35 -4.30 8.67
C HIS B 206 12.25 -4.55 7.18
N SER B 207 12.07 -5.82 6.79
CA SER B 207 11.97 -6.18 5.38
C SER B 207 10.58 -5.93 4.79
N ASN B 208 9.55 -6.07 5.61
CA ASN B 208 8.19 -5.96 5.14
C ASN B 208 7.60 -4.56 5.39
N LYS B 209 7.64 -3.73 4.35
CA LYS B 209 7.10 -2.37 4.41
C LYS B 209 5.81 -2.27 3.63
N ARG B 210 5.15 -3.40 3.42
CA ARG B 210 3.97 -3.42 2.58
C ARG B 210 2.78 -2.76 3.25
N THR B 211 1.83 -2.32 2.43
CA THR B 211 0.60 -1.68 2.93
C THR B 211 -0.64 -2.42 2.44
N ASP B 212 -0.46 -3.57 1.81
CA ASP B 212 -1.60 -4.41 1.45
C ASP B 212 -1.87 -5.41 2.55
N GLU B 213 -2.64 -6.44 2.25
CA GLU B 213 -3.02 -7.47 3.23
C GLU B 213 -1.87 -8.29 3.78
N TYR B 214 -0.67 -8.16 3.19
CA TYR B 214 0.49 -8.95 3.60
C TYR B 214 1.55 -8.16 4.38
N GLY B 215 1.23 -6.93 4.74
CA GLY B 215 2.11 -6.14 5.59
C GLY B 215 1.34 -5.11 6.43
N GLY B 216 2.05 -4.44 7.32
CA GLY B 216 1.50 -3.30 8.04
C GLY B 216 0.97 -3.60 9.43
N THR B 217 0.67 -4.87 9.69
CA THR B 217 0.25 -5.36 11.01
C THR B 217 0.87 -6.74 11.27
N ILE B 218 0.82 -7.14 12.52
CA ILE B 218 1.28 -8.46 12.96
C ILE B 218 0.57 -9.54 12.19
N GLU B 219 -0.75 -9.42 12.13
CA GLU B 219 -1.60 -10.39 11.44
C GLU B 219 -1.28 -10.47 9.94
N ASN B 220 -1.06 -9.32 9.33
CA ASN B 220 -0.78 -9.27 7.90
C ASN B 220 0.60 -9.83 7.58
N ARG B 221 1.58 -9.52 8.42
CA ARG B 221 2.94 -9.99 8.17
C ARG B 221 3.02 -11.53 8.30
N ALA B 222 2.13 -12.11 9.12
CA ALA B 222 2.10 -13.57 9.31
C ALA B 222 1.30 -14.32 8.26
N ARG B 223 0.59 -13.57 7.41
CA ARG B 223 -0.38 -14.17 6.51
C ARG B 223 0.23 -15.17 5.52
N PHE B 224 1.38 -14.83 4.90
CA PHE B 224 2.01 -15.68 3.90
C PHE B 224 2.46 -17.00 4.54
N THR B 225 3.18 -16.89 5.65
CA THR B 225 3.62 -18.07 6.38
C THR B 225 2.45 -18.99 6.76
N LEU B 226 1.37 -18.41 7.28
CA LEU B 226 0.24 -19.22 7.69
C LEU B 226 -0.53 -19.80 6.49
N GLU B 227 -0.53 -19.12 5.35
N GLU B 227 -0.51 -19.12 5.35
CA GLU B 227 -1.13 -19.69 4.15
CA GLU B 227 -1.14 -19.67 4.14
C GLU B 227 -0.37 -20.94 3.73
C GLU B 227 -0.36 -20.88 3.62
N VAL B 228 0.96 -20.87 3.82
CA VAL B 228 1.79 -21.99 3.42
C VAL B 228 1.54 -23.15 4.38
N VAL B 229 1.50 -22.84 5.66
CA VAL B 229 1.18 -23.83 6.69
C VAL B 229 -0.15 -24.49 6.35
N ASP B 230 -1.18 -23.69 6.07
CA ASP B 230 -2.51 -24.26 5.83
C ASP B 230 -2.56 -25.10 4.55
N ALA B 231 -1.83 -24.65 3.54
CA ALA B 231 -1.81 -25.36 2.27
C ALA B 231 -1.20 -26.75 2.44
N LEU B 232 -0.15 -26.86 3.25
CA LEU B 232 0.54 -28.15 3.42
C LEU B 232 -0.20 -29.05 4.42
N ILE B 233 -0.77 -28.49 5.47
CA ILE B 233 -1.69 -29.24 6.35
C ILE B 233 -2.72 -29.93 5.50
N GLU B 234 -3.28 -29.21 4.54
CA GLU B 234 -4.36 -29.76 3.73
C GLU B 234 -3.85 -30.83 2.79
N THR B 235 -2.64 -30.69 2.29
CA THR B 235 -2.21 -31.57 1.19
C THR B 235 -1.49 -32.82 1.70
N ILE B 236 -0.66 -32.72 2.73
CA ILE B 236 0.07 -33.88 3.22
C ILE B 236 -0.18 -34.18 4.70
N GLY B 237 -1.07 -33.41 5.35
CA GLY B 237 -1.43 -33.65 6.74
C GLY B 237 -0.60 -32.87 7.76
N PRO B 238 -1.23 -32.43 8.86
CA PRO B 238 -0.49 -31.60 9.82
C PRO B 238 0.67 -32.37 10.45
N GLU B 239 0.53 -33.68 10.60
CA GLU B 239 1.58 -34.47 11.25
C GLU B 239 2.80 -34.69 10.34
N ARG B 240 2.69 -34.28 9.07
CA ARG B 240 3.85 -34.26 8.16
C ARG B 240 4.46 -32.88 7.98
N VAL B 241 4.10 -31.92 8.83
CA VAL B 241 4.53 -30.53 8.61
C VAL B 241 5.08 -29.93 9.88
N GLY B 242 6.30 -29.40 9.78
CA GLY B 242 6.89 -28.61 10.83
C GLY B 242 7.13 -27.18 10.32
N LEU B 243 7.39 -26.27 11.26
CA LEU B 243 7.68 -24.87 10.92
C LEU B 243 8.92 -24.41 11.65
N ARG B 244 9.85 -23.80 10.91
CA ARG B 244 11.05 -23.21 11.52
C ARG B 244 10.98 -21.69 11.60
N LEU B 245 11.27 -21.18 12.80
CA LEU B 245 11.25 -19.75 13.12
C LEU B 245 12.51 -19.37 13.87
N SER B 246 12.93 -18.12 13.73
CA SER B 246 14.10 -17.63 14.47
C SER B 246 13.80 -16.22 15.01
N PRO B 247 13.04 -16.14 16.11
CA PRO B 247 12.58 -14.83 16.61
C PRO B 247 13.71 -13.82 16.80
N TYR B 248 14.87 -14.27 17.29
CA TYR B 248 15.94 -13.37 17.64
C TYR B 248 17.02 -13.26 16.56
N GLY B 249 16.77 -13.87 15.41
CA GLY B 249 17.73 -13.84 14.32
C GLY B 249 17.97 -12.46 13.75
N THR B 250 19.24 -12.18 13.46
CA THR B 250 19.63 -10.98 12.70
C THR B 250 20.28 -11.32 11.35
N PHE B 251 20.65 -12.57 11.16
CA PHE B 251 21.13 -13.07 9.87
C PHE B 251 20.20 -12.66 8.73
N ASN B 252 20.79 -12.22 7.63
CA ASN B 252 20.07 -11.81 6.42
C ASN B 252 19.18 -10.58 6.68
N SER B 253 19.69 -9.71 7.55
CA SER B 253 19.12 -8.40 7.84
C SER B 253 17.73 -8.46 8.47
N MET B 254 17.51 -9.42 9.36
CA MET B 254 16.27 -9.48 10.11
C MET B 254 16.40 -8.64 11.39
N SER B 255 15.28 -8.36 12.08
CA SER B 255 15.29 -7.38 13.17
C SER B 255 15.89 -7.90 14.46
N GLY B 256 15.57 -9.12 14.85
CA GLY B 256 16.00 -9.63 16.13
C GLY B 256 15.39 -8.86 17.32
N GLY B 257 15.95 -9.07 18.50
CA GLY B 257 15.41 -8.51 19.74
C GLY B 257 15.42 -6.99 19.83
N ALA B 258 16.26 -6.35 19.02
CA ALA B 258 16.31 -4.89 18.98
C ALA B 258 14.97 -4.29 18.57
N GLU B 259 14.11 -5.11 17.98
CA GLU B 259 12.77 -4.69 17.60
C GLU B 259 11.81 -5.12 18.72
N PRO B 260 11.32 -4.16 19.52
CA PRO B 260 10.58 -4.60 20.71
C PRO B 260 9.25 -5.27 20.39
N GLY B 261 8.75 -5.10 19.16
CA GLY B 261 7.53 -5.77 18.74
C GLY B 261 7.76 -7.17 18.23
N ILE B 262 8.99 -7.67 18.29
CA ILE B 262 9.30 -8.93 17.59
C ILE B 262 8.66 -10.13 18.31
N ILE B 263 8.63 -10.15 19.65
CA ILE B 263 8.04 -11.28 20.34
C ILE B 263 6.52 -11.33 20.11
N ALA B 264 5.85 -10.19 19.97
CA ALA B 264 4.42 -10.19 19.63
C ALA B 264 4.20 -10.83 18.26
N GLN B 265 5.09 -10.51 17.31
CA GLN B 265 4.99 -11.07 15.97
C GLN B 265 5.07 -12.59 16.02
N TYR B 266 6.04 -13.14 16.73
CA TYR B 266 6.19 -14.58 16.78
C TYR B 266 5.15 -15.27 17.68
N SER B 267 4.74 -14.59 18.75
CA SER B 267 3.64 -15.07 19.59
C SER B 267 2.37 -15.24 18.79
N TYR B 268 2.14 -14.32 17.86
CA TYR B 268 0.91 -14.41 17.08
C TYR B 268 0.94 -15.65 16.17
N VAL B 269 2.09 -15.91 15.56
CA VAL B 269 2.23 -17.07 14.70
C VAL B 269 1.99 -18.33 15.52
N LEU B 270 2.62 -18.42 16.68
CA LEU B 270 2.47 -19.62 17.51
C LEU B 270 1.03 -19.79 18.01
N GLY B 271 0.38 -18.68 18.39
CA GLY B 271 -1.02 -18.75 18.80
C GLY B 271 -1.94 -19.27 17.71
N GLU B 272 -1.66 -18.86 16.49
CA GLU B 272 -2.42 -19.32 15.34
C GLU B 272 -2.17 -20.80 15.09
N LEU B 273 -0.94 -21.25 15.30
CA LEU B 273 -0.66 -22.68 15.19
C LEU B 273 -1.42 -23.43 16.27
N GLU B 274 -1.48 -22.85 17.47
CA GLU B 274 -2.11 -23.57 18.57
C GLU B 274 -3.63 -23.61 18.38
N LYS B 275 -4.18 -22.54 17.82
CA LYS B 275 -5.60 -22.50 17.45
C LYS B 275 -5.91 -23.64 16.49
N ARG B 276 -5.06 -23.82 15.48
CA ARG B 276 -5.26 -24.91 14.55
C ARG B 276 -5.15 -26.27 15.24
N ALA B 277 -4.21 -26.39 16.16
CA ALA B 277 -4.01 -27.64 16.88
C ALA B 277 -5.23 -28.00 17.71
N LYS B 278 -5.82 -27.01 18.38
CA LYS B 278 -7.00 -27.24 19.22
C LYS B 278 -8.19 -27.65 18.35
N ALA B 279 -8.20 -27.17 17.11
CA ALA B 279 -9.26 -27.53 16.17
C ALA B 279 -8.99 -28.85 15.47
N GLY B 280 -7.92 -29.55 15.86
CA GLY B 280 -7.65 -30.89 15.35
C GLY B 280 -6.55 -31.01 14.32
N LYS B 281 -5.80 -29.93 14.08
CA LYS B 281 -4.72 -29.93 13.08
C LYS B 281 -3.44 -29.43 13.67
N ARG B 282 -2.78 -30.26 14.47
CA ARG B 282 -1.54 -29.88 15.13
C ARG B 282 -0.33 -30.21 14.27
N LEU B 283 0.51 -29.20 14.00
CA LEU B 283 1.77 -29.43 13.30
C LEU B 283 2.63 -30.40 14.10
N ALA B 284 3.47 -31.14 13.39
CA ALA B 284 4.34 -32.10 14.03
C ALA B 284 5.29 -31.49 15.03
N PHE B 285 5.74 -30.26 14.76
CA PHE B 285 6.69 -29.57 15.62
C PHE B 285 6.86 -28.13 15.18
N VAL B 286 7.33 -27.32 16.13
CA VAL B 286 7.91 -26.02 15.81
C VAL B 286 9.39 -26.11 16.09
N HIS B 287 10.18 -25.57 15.18
CA HIS B 287 11.63 -25.59 15.29
C HIS B 287 12.11 -24.16 15.49
N LEU B 288 12.68 -23.89 16.66
CA LEU B 288 13.17 -22.56 16.99
C LEU B 288 14.70 -22.49 16.98
N VAL B 289 15.24 -21.54 16.23
CA VAL B 289 16.62 -21.15 16.42
C VAL B 289 16.70 -20.28 17.68
N GLU B 290 17.70 -20.56 18.51
CA GLU B 290 17.89 -19.85 19.77
C GLU B 290 18.65 -18.52 19.64
N PRO B 291 18.40 -17.58 20.57
CA PRO B 291 19.22 -16.36 20.62
C PRO B 291 20.69 -16.66 20.93
N ARG B 292 20.98 -17.93 21.23
CA ARG B 292 22.35 -18.40 21.41
C ARG B 292 23.15 -18.21 20.11
N VAL B 293 22.44 -18.27 18.98
CA VAL B 293 23.01 -18.10 17.65
C VAL B 293 22.10 -17.19 16.82
N THR B 294 22.37 -15.88 16.89
CA THR B 294 21.58 -14.93 16.08
C THR B 294 22.03 -14.94 14.63
N ASP B 295 23.21 -15.48 14.38
CA ASP B 295 23.81 -15.46 13.03
C ASP B 295 24.77 -16.64 12.89
N PRO B 296 24.43 -17.63 12.06
CA PRO B 296 25.24 -18.84 12.08
C PRO B 296 26.57 -18.68 11.35
N SER B 297 26.84 -17.51 10.78
CA SER B 297 28.13 -17.29 10.15
C SER B 297 29.18 -16.93 11.21
N LEU B 298 28.74 -16.76 12.45
CA LEU B 298 29.63 -16.41 13.53
C LEU B 298 29.98 -17.64 14.33
N VAL B 299 31.17 -17.70 14.86
CA VAL B 299 31.62 -18.80 15.64
C VAL B 299 30.85 -18.97 16.96
N GLU B 300 30.72 -20.19 17.45
CA GLU B 300 30.00 -20.46 18.68
C GLU B 300 30.42 -19.48 19.81
N GLY B 301 29.42 -18.84 20.40
CA GLY B 301 29.65 -17.88 21.48
C GLY B 301 29.57 -16.44 21.02
N GLU B 302 29.75 -16.21 19.73
CA GLU B 302 29.61 -14.87 19.17
C GLU B 302 28.20 -14.68 18.66
N GLY B 303 27.73 -13.44 18.71
CA GLY B 303 26.38 -13.13 18.29
C GLY B 303 25.31 -13.71 19.19
N GLU B 304 25.64 -13.98 20.46
N GLU B 304 25.67 -13.96 20.44
CA GLU B 304 24.62 -14.45 21.38
CA GLU B 304 24.70 -14.35 21.46
C GLU B 304 23.85 -13.27 22.00
C GLU B 304 23.87 -13.14 21.85
N TYR B 305 22.55 -13.26 21.77
CA TYR B 305 21.66 -12.21 22.30
C TYR B 305 21.23 -12.61 23.69
N SER B 306 21.50 -11.79 24.70
CA SER B 306 21.30 -12.23 26.09
C SER B 306 20.06 -11.62 26.76
N GLU B 307 19.34 -10.79 26.02
CA GLU B 307 18.23 -10.02 26.60
C GLU B 307 16.88 -10.55 26.18
N GLY B 308 16.82 -11.81 25.76
CA GLY B 308 15.54 -12.43 25.50
C GLY B 308 15.71 -13.92 25.34
N THR B 309 14.63 -14.66 25.60
CA THR B 309 14.62 -16.10 25.45
C THR B 309 13.42 -16.56 24.63
N ASN B 310 13.46 -17.82 24.25
CA ASN B 310 12.34 -18.44 23.57
C ASN B 310 11.33 -19.07 24.54
N ASP B 311 11.44 -18.73 25.83
CA ASP B 311 10.53 -19.31 26.81
C ASP B 311 9.07 -19.02 26.50
N PHE B 312 8.78 -17.84 25.95
CA PHE B 312 7.41 -17.46 25.58
C PHE B 312 6.71 -18.53 24.75
N ALA B 313 7.45 -19.16 23.84
CA ALA B 313 6.88 -20.14 22.93
C ALA B 313 6.19 -21.27 23.67
N TYR B 314 6.74 -21.69 24.80
CA TYR B 314 6.21 -22.82 25.54
C TYR B 314 4.85 -22.53 26.20
N SER B 315 4.60 -21.25 26.54
CA SER B 315 3.29 -20.88 27.08
C SER B 315 2.20 -20.88 26.00
N ILE B 316 2.60 -20.82 24.73
CA ILE B 316 1.61 -20.64 23.65
C ILE B 316 1.39 -21.94 22.88
N TRP B 317 2.47 -22.43 22.28
CA TRP B 317 2.45 -23.66 21.48
C TRP B 317 2.67 -24.85 22.40
N LYS B 318 1.80 -25.86 22.30
CA LYS B 318 1.83 -26.99 23.22
C LYS B 318 2.31 -28.29 22.59
N GLY B 319 2.86 -28.21 21.38
CA GLY B 319 3.41 -29.39 20.73
C GLY B 319 4.92 -29.48 20.89
N PRO B 320 5.56 -30.43 20.19
CA PRO B 320 7.01 -30.57 20.28
C PRO B 320 7.73 -29.30 19.85
N ILE B 321 8.82 -28.97 20.53
CA ILE B 321 9.66 -27.84 20.14
C ILE B 321 11.09 -28.32 19.99
N ILE B 322 11.63 -28.13 18.79
CA ILE B 322 13.03 -28.38 18.54
C ILE B 322 13.79 -27.06 18.73
N ARG B 323 14.85 -27.08 19.53
CA ARG B 323 15.66 -25.89 19.81
C ARG B 323 17.05 -26.09 19.23
N ALA B 324 17.57 -25.11 18.49
CA ALA B 324 18.91 -25.21 17.90
C ALA B 324 19.75 -23.96 18.16
N GLY B 325 21.03 -24.18 18.47
CA GLY B 325 22.01 -23.11 18.56
C GLY B 325 23.05 -23.31 19.65
N ASN B 326 24.27 -23.64 19.22
CA ASN B 326 25.39 -23.80 20.14
C ASN B 326 25.14 -24.74 21.32
N TYR B 327 24.48 -25.88 21.07
CA TYR B 327 24.21 -26.82 22.15
C TYR B 327 25.26 -27.91 22.30
N ALA B 328 26.03 -28.18 21.25
CA ALA B 328 27.01 -29.25 21.28
C ALA B 328 28.12 -29.02 22.31
N LEU B 329 28.60 -27.78 22.36
CA LEU B 329 29.65 -27.39 23.28
C LEU B 329 29.11 -27.08 24.67
N HIS B 330 27.79 -27.23 24.85
CA HIS B 330 27.14 -26.85 26.11
C HIS B 330 26.13 -27.87 26.59
N PRO B 331 26.65 -29.07 26.88
CA PRO B 331 25.80 -30.13 27.43
C PRO B 331 25.16 -29.72 28.77
N GLU B 332 25.76 -28.79 29.48
CA GLU B 332 25.18 -28.35 30.75
C GLU B 332 23.86 -27.61 30.50
N VAL B 333 23.77 -26.92 29.38
CA VAL B 333 22.55 -26.20 29.01
C VAL B 333 21.51 -27.22 28.52
N VAL B 334 21.94 -28.13 27.67
CA VAL B 334 21.03 -29.15 27.17
C VAL B 334 20.40 -29.96 28.31
N ARG B 335 21.22 -30.35 29.28
CA ARG B 335 20.74 -31.11 30.43
C ARG B 335 19.59 -30.38 31.14
N GLU B 336 19.67 -29.06 31.25
CA GLU B 336 18.60 -28.30 31.88
C GLU B 336 17.38 -28.21 30.97
N GLN B 337 17.60 -27.93 29.68
CA GLN B 337 16.48 -27.66 28.81
C GLN B 337 15.69 -28.91 28.44
N VAL B 338 16.30 -30.10 28.43
CA VAL B 338 15.53 -31.30 28.09
C VAL B 338 14.76 -31.83 29.29
N LYS B 339 14.87 -31.15 30.42
CA LYS B 339 13.98 -31.50 31.52
C LYS B 339 12.53 -31.25 31.09
N ASP B 340 12.34 -30.29 30.20
CA ASP B 340 11.03 -30.13 29.58
C ASP B 340 10.77 -31.33 28.68
N PRO B 341 9.60 -31.98 28.85
CA PRO B 341 9.42 -33.28 28.18
C PRO B 341 8.99 -33.27 26.71
N ARG B 342 8.90 -32.10 26.07
CA ARG B 342 8.55 -32.06 24.65
C ARG B 342 9.59 -31.21 23.90
N THR B 343 10.78 -31.15 24.48
CA THR B 343 11.89 -30.39 23.91
C THR B 343 12.87 -31.34 23.23
N LEU B 344 13.21 -31.03 21.99
CA LEU B 344 14.28 -31.73 21.28
C LEU B 344 15.39 -30.72 21.00
N ILE B 345 16.60 -31.23 20.73
CA ILE B 345 17.75 -30.38 20.51
C ILE B 345 18.34 -30.63 19.13
N GLY B 346 18.38 -29.57 18.32
CA GLY B 346 19.04 -29.62 17.04
C GLY B 346 20.50 -29.26 17.17
N TYR B 347 21.35 -30.10 16.56
CA TYR B 347 22.78 -29.92 16.60
C TYR B 347 23.26 -29.76 15.17
N GLY B 348 23.71 -28.56 14.82
CA GLY B 348 24.08 -28.27 13.45
C GLY B 348 25.53 -28.55 13.12
N ARG B 349 26.37 -27.58 13.45
CA ARG B 349 27.76 -27.63 13.02
C ARG B 349 28.48 -28.87 13.51
N PHE B 350 28.13 -29.37 14.68
CA PHE B 350 28.83 -30.55 15.15
C PHE B 350 28.22 -31.87 14.65
N PHE B 351 27.02 -31.82 14.04
CA PHE B 351 26.57 -32.97 13.26
C PHE B 351 27.29 -33.00 11.89
N ILE B 352 27.70 -31.84 11.38
CA ILE B 352 28.54 -31.81 10.19
C ILE B 352 29.79 -32.64 10.43
N SER B 353 30.43 -32.42 11.58
CA SER B 353 31.75 -33.02 11.85
C SER B 353 31.72 -34.34 12.62
N ASN B 354 30.54 -34.74 13.12
CA ASN B 354 30.44 -35.99 13.88
C ASN B 354 29.33 -36.89 13.38
N PRO B 355 29.68 -37.86 12.52
CA PRO B 355 28.60 -38.71 12.01
C PRO B 355 27.92 -39.50 13.12
N ASP B 356 28.70 -39.92 14.10
CA ASP B 356 28.18 -40.62 15.27
C ASP B 356 27.96 -39.64 16.44
N LEU B 357 27.47 -38.44 16.15
CA LEU B 357 27.24 -37.47 17.21
C LEU B 357 26.34 -38.02 18.34
N VAL B 358 25.31 -38.78 17.99
CA VAL B 358 24.32 -39.19 19.00
C VAL B 358 25.00 -40.10 20.04
N TYR B 359 25.79 -41.05 19.55
CA TYR B 359 26.63 -41.88 20.40
C TYR B 359 27.58 -41.07 21.28
N ARG B 360 28.26 -40.09 20.72
CA ARG B 360 29.16 -39.30 21.52
C ARG B 360 28.43 -38.50 22.60
N LEU B 361 27.22 -38.04 22.31
CA LEU B 361 26.41 -37.32 23.29
C LEU B 361 25.97 -38.26 24.39
N GLU B 362 25.65 -39.50 24.03
CA GLU B 362 25.16 -40.47 25.03
C GLU B 362 26.27 -40.88 25.99
N GLU B 363 27.46 -41.10 25.42
CA GLU B 363 28.58 -41.64 26.17
C GLU B 363 29.45 -40.55 26.78
N GLY B 364 29.24 -39.31 26.36
CA GLY B 364 30.06 -38.21 26.85
C GLY B 364 31.47 -38.27 26.31
N LEU B 365 31.58 -38.36 24.98
CA LEU B 365 32.88 -38.48 24.33
C LEU B 365 33.33 -37.16 23.70
N PRO B 366 34.62 -37.05 23.38
CA PRO B 366 35.12 -35.90 22.62
C PRO B 366 34.37 -35.71 21.29
N LEU B 367 34.34 -34.47 20.80
CA LEU B 367 33.73 -34.13 19.52
C LEU B 367 34.77 -33.77 18.47
N ASN B 368 34.56 -34.24 17.26
CA ASN B 368 35.40 -33.77 16.17
C ASN B 368 35.18 -32.31 15.94
N LYS B 369 36.27 -31.58 15.79
CA LYS B 369 36.25 -30.22 15.31
C LYS B 369 35.67 -30.20 13.89
N TYR B 370 34.89 -29.16 13.55
CA TYR B 370 34.45 -28.99 12.17
C TYR B 370 35.44 -28.10 11.40
N ASP B 371 35.39 -28.23 10.08
CA ASP B 371 36.23 -27.46 9.16
C ASP B 371 35.34 -26.58 8.30
N ARG B 372 35.25 -25.29 8.65
CA ARG B 372 34.34 -24.36 7.95
C ARG B 372 34.71 -24.26 6.48
N SER B 373 35.99 -24.48 6.15
CA SER B 373 36.44 -24.26 4.78
C SER B 373 35.79 -25.26 3.79
N THR B 374 35.31 -26.39 4.30
CA THR B 374 34.59 -27.34 3.46
C THR B 374 33.08 -27.44 3.74
N PHE B 375 32.51 -26.42 4.39
CA PHE B 375 31.07 -26.39 4.58
C PHE B 375 30.36 -26.42 3.23
N TYR B 376 30.91 -25.73 2.23
CA TYR B 376 30.19 -25.52 0.97
C TYR B 376 30.93 -25.92 -0.30
N THR B 377 32.01 -26.66 -0.16
CA THR B 377 32.82 -27.05 -1.31
C THR B 377 32.24 -28.27 -1.98
N MET B 378 32.51 -28.44 -3.27
CA MET B 378 32.05 -29.63 -3.98
C MET B 378 33.08 -30.73 -3.79
N SER B 379 33.06 -31.33 -2.61
CA SER B 379 34.01 -32.34 -2.23
C SER B 379 33.45 -33.32 -1.22
N ALA B 380 33.89 -34.58 -1.33
CA ALA B 380 33.65 -35.55 -0.27
C ALA B 380 34.41 -35.12 0.99
N GLU B 381 35.55 -34.48 0.78
CA GLU B 381 36.36 -33.96 1.88
C GLU B 381 35.52 -32.96 2.68
N GLY B 382 35.40 -33.20 3.97
CA GLY B 382 34.64 -32.32 4.84
C GLY B 382 33.13 -32.53 4.74
N TYR B 383 32.77 -33.68 4.17
CA TYR B 383 31.38 -34.05 3.97
C TYR B 383 31.17 -35.47 4.50
N THR B 384 31.84 -36.42 3.89
CA THR B 384 31.68 -37.84 4.23
C THR B 384 32.93 -38.45 4.85
N ASP B 385 33.98 -37.66 5.09
CA ASP B 385 35.23 -38.22 5.62
C ASP B 385 35.53 -37.82 7.06
N TYR B 386 34.56 -37.25 7.77
CA TYR B 386 34.75 -37.08 9.21
C TYR B 386 34.63 -38.43 9.89
N PRO B 387 35.54 -38.74 10.83
CA PRO B 387 35.53 -40.06 11.44
C PRO B 387 34.55 -40.26 12.60
N THR B 388 34.11 -41.51 12.78
CA THR B 388 33.45 -41.92 14.01
C THR B 388 34.45 -41.89 15.16
N TYR B 389 33.97 -42.01 16.39
CA TYR B 389 34.87 -41.96 17.52
C TYR B 389 35.94 -43.04 17.41
N GLU B 390 35.53 -44.27 17.15
CA GLU B 390 36.44 -45.41 17.03
C GLU B 390 37.48 -45.19 15.93
N GLU B 391 37.02 -44.68 14.79
CA GLU B 391 37.95 -44.32 13.72
C GLU B 391 38.94 -43.24 14.15
N ALA B 392 38.47 -42.21 14.86
CA ALA B 392 39.34 -41.14 15.31
C ALA B 392 40.36 -41.67 16.30
N VAL B 393 39.94 -42.61 17.16
CA VAL B 393 40.82 -43.18 18.15
C VAL B 393 41.95 -43.94 17.42
N ASP B 394 41.56 -44.74 16.43
CA ASP B 394 42.53 -45.44 15.59
C ASP B 394 43.48 -44.49 14.88
N LEU B 395 43.01 -43.26 14.65
CA LEU B 395 43.80 -42.23 13.97
C LEU B 395 44.68 -41.43 14.93
N GLY B 396 44.51 -41.65 16.24
CA GLY B 396 45.35 -41.02 17.25
C GLY B 396 44.84 -39.70 17.78
N TRP B 397 43.53 -39.50 17.69
CA TRP B 397 42.94 -38.21 18.07
C TRP B 397 42.74 -38.12 19.59
N ASN B 398 42.68 -39.26 20.26
CA ASN B 398 42.41 -39.30 21.70
C ASN B 398 43.66 -39.01 22.52
#